data_1HTA
# 
_entry.id   1HTA 
# 
_audit_conform.dict_name       mmcif_pdbx.dic 
_audit_conform.dict_version    5.389 
_audit_conform.dict_location   http://mmcif.pdb.org/dictionaries/ascii/mmcif_pdbx.dic 
# 
loop_
_database_2.database_id 
_database_2.database_code 
_database_2.pdbx_database_accession 
_database_2.pdbx_DOI 
PDB   1HTA         pdb_00001hta 10.2210/pdb1hta/pdb 
WWPDB D_1000174008 ?            ?                   
# 
loop_
_pdbx_audit_revision_history.ordinal 
_pdbx_audit_revision_history.data_content_type 
_pdbx_audit_revision_history.major_revision 
_pdbx_audit_revision_history.minor_revision 
_pdbx_audit_revision_history.revision_date 
1 'Structure model' 1 0 1999-03-23 
2 'Structure model' 1 1 2008-03-24 
3 'Structure model' 1 2 2011-07-13 
4 'Structure model' 1 3 2024-02-07 
5 'Structure model' 1 4 2024-04-03 
# 
_pdbx_audit_revision_details.ordinal             1 
_pdbx_audit_revision_details.revision_ordinal    1 
_pdbx_audit_revision_details.data_content_type   'Structure model' 
_pdbx_audit_revision_details.provider            repository 
_pdbx_audit_revision_details.type                'Initial release' 
_pdbx_audit_revision_details.description         ? 
_pdbx_audit_revision_details.details             ? 
# 
loop_
_pdbx_audit_revision_group.ordinal 
_pdbx_audit_revision_group.revision_ordinal 
_pdbx_audit_revision_group.data_content_type 
_pdbx_audit_revision_group.group 
1 2 'Structure model' 'Version format compliance' 
2 3 'Structure model' 'Derived calculations'      
3 3 'Structure model' 'Version format compliance' 
4 4 'Structure model' 'Data collection'           
5 4 'Structure model' 'Database references'       
6 4 'Structure model' 'Derived calculations'      
7 5 'Structure model' 'Refinement description'    
# 
loop_
_pdbx_audit_revision_category.ordinal 
_pdbx_audit_revision_category.revision_ordinal 
_pdbx_audit_revision_category.data_content_type 
_pdbx_audit_revision_category.category 
1 4 'Structure model' chem_comp_atom                
2 4 'Structure model' chem_comp_bond                
3 4 'Structure model' database_2                    
4 4 'Structure model' diffrn_source                 
5 4 'Structure model' struct_site                   
6 5 'Structure model' pdbx_initial_refinement_model 
# 
loop_
_pdbx_audit_revision_item.ordinal 
_pdbx_audit_revision_item.revision_ordinal 
_pdbx_audit_revision_item.data_content_type 
_pdbx_audit_revision_item.item 
1 4 'Structure model' '_database_2.pdbx_DOI'                 
2 4 'Structure model' '_database_2.pdbx_database_accession'  
3 4 'Structure model' '_diffrn_source.pdbx_synchrotron_site' 
4 4 'Structure model' '_struct_site.pdbx_auth_asym_id'       
5 4 'Structure model' '_struct_site.pdbx_auth_comp_id'       
6 4 'Structure model' '_struct_site.pdbx_auth_seq_id'        
# 
_pdbx_database_status.status_code                     REL 
_pdbx_database_status.entry_id                        1HTA 
_pdbx_database_status.recvd_initial_deposition_date   1998-03-18 
_pdbx_database_status.deposit_site                    ? 
_pdbx_database_status.process_site                    BNL 
_pdbx_database_status.SG_entry                        . 
_pdbx_database_status.pdb_format_compatible           Y 
_pdbx_database_status.status_code_mr                  ? 
_pdbx_database_status.status_code_sf                  ? 
_pdbx_database_status.status_code_cs                  ? 
_pdbx_database_status.status_code_nmr_data            ? 
_pdbx_database_status.methods_development_category    ? 
# 
loop_
_audit_author.name 
_audit_author.pdbx_ordinal 
'Decanniere, K.' 1 
'Sandman, K.'    2 
'Reeve, J.N.'    3 
'Heinemann, U.'  4 
# 
loop_
_citation.id 
_citation.title 
_citation.journal_abbrev 
_citation.journal_volume 
_citation.page_first 
_citation.page_last 
_citation.year 
_citation.journal_id_ASTM 
_citation.country 
_citation.journal_id_ISSN 
_citation.journal_id_CSD 
_citation.book_publisher 
_citation.pdbx_database_id_PubMed 
_citation.pdbx_database_id_DOI 
primary 'Crystal structures of recombinant histones HMfA and HMfB from the hyperthermophilic archaeon Methanothermus fervidus.' 
J.Mol.Biol. 303 35  47 2000 JMOBAK UK 0022-2836 0070 ? 11021968 10.1006/jmbi.2000.4104 
1       'Crystallization and Preliminary X-Ray Characterization of the Methanothermus Fervidus Histones Hmfa and Hmfb' Proteins    
24  269 ?  1996 PSFGEY US 0887-3585 0867 ? ?        ?                      
2       
'NMR Structure of Hmfb from the Hyperthermophile, Methanothermus Fervidus, Confirms that This Archaeal Protein is a Histone' 
J.Mol.Biol. 255 187 ?  1996 JMOBAK UK 0022-2836 0070 ? ?        ?                      
# 
loop_
_citation_author.citation_id 
_citation_author.name 
_citation_author.ordinal 
_citation_author.identifier_ORCID 
primary 'Decanniere, K.' 1  ? 
primary 'Babu, A.M.'     2  ? 
primary 'Sandman, K.'    3  ? 
primary 'Reeve, J.N.'    4  ? 
primary 'Heinemann, U.'  5  ? 
1       'Decanniere, K.' 6  ? 
1       'Sandman, K.'    7  ? 
1       'Reeve, J.N.'    8  ? 
1       'Heinemann, U.'  9  ? 
2       'Starich, M.R.'  10 ? 
2       'Sandman, K.'    11 ? 
2       'Reeve, J.N.'    12 ? 
2       'Summers, M.F.'  13 ? 
# 
loop_
_entity.id 
_entity.type 
_entity.src_method 
_entity.pdbx_description 
_entity.formula_weight 
_entity.pdbx_number_of_molecules 
_entity.pdbx_ec 
_entity.pdbx_mutation 
_entity.pdbx_fragment 
_entity.details 
1 polymer     man 'HISTONE HMFA' 7513.844 1  ? ? ? ? 
2 non-polymer syn 'CHLORIDE ION' 35.453   1  ? ? ? ? 
3 water       nat water          18.015   56 ? ? ? ? 
# 
_entity_poly.entity_id                      1 
_entity_poly.type                           'polypeptide(L)' 
_entity_poly.nstd_linkage                   no 
_entity_poly.nstd_monomer                   no 
_entity_poly.pdbx_seq_one_letter_code       MGELPIAPIGRIIKNAGAERVSDDARIALAKVLEEMGEEIASEAVKLAKHAGRKTIKAEDIELARKMFK 
_entity_poly.pdbx_seq_one_letter_code_can   MGELPIAPIGRIIKNAGAERVSDDARIALAKVLEEMGEEIASEAVKLAKHAGRKTIKAEDIELARKMFK 
_entity_poly.pdbx_strand_id                 A 
_entity_poly.pdbx_target_identifier         ? 
# 
loop_
_pdbx_entity_nonpoly.entity_id 
_pdbx_entity_nonpoly.name 
_pdbx_entity_nonpoly.comp_id 
2 'CHLORIDE ION' CL  
3 water          HOH 
# 
loop_
_entity_poly_seq.entity_id 
_entity_poly_seq.num 
_entity_poly_seq.mon_id 
_entity_poly_seq.hetero 
1 1  MET n 
1 2  GLY n 
1 3  GLU n 
1 4  LEU n 
1 5  PRO n 
1 6  ILE n 
1 7  ALA n 
1 8  PRO n 
1 9  ILE n 
1 10 GLY n 
1 11 ARG n 
1 12 ILE n 
1 13 ILE n 
1 14 LYS n 
1 15 ASN n 
1 16 ALA n 
1 17 GLY n 
1 18 ALA n 
1 19 GLU n 
1 20 ARG n 
1 21 VAL n 
1 22 SER n 
1 23 ASP n 
1 24 ASP n 
1 25 ALA n 
1 26 ARG n 
1 27 ILE n 
1 28 ALA n 
1 29 LEU n 
1 30 ALA n 
1 31 LYS n 
1 32 VAL n 
1 33 LEU n 
1 34 GLU n 
1 35 GLU n 
1 36 MET n 
1 37 GLY n 
1 38 GLU n 
1 39 GLU n 
1 40 ILE n 
1 41 ALA n 
1 42 SER n 
1 43 GLU n 
1 44 ALA n 
1 45 VAL n 
1 46 LYS n 
1 47 LEU n 
1 48 ALA n 
1 49 LYS n 
1 50 HIS n 
1 51 ALA n 
1 52 GLY n 
1 53 ARG n 
1 54 LYS n 
1 55 THR n 
1 56 ILE n 
1 57 LYS n 
1 58 ALA n 
1 59 GLU n 
1 60 ASP n 
1 61 ILE n 
1 62 GLU n 
1 63 LEU n 
1 64 ALA n 
1 65 ARG n 
1 66 LYS n 
1 67 MET n 
1 68 PHE n 
1 69 LYS n 
# 
_entity_src_gen.entity_id                          1 
_entity_src_gen.pdbx_src_id                        1 
_entity_src_gen.pdbx_alt_source_flag               sample 
_entity_src_gen.pdbx_seq_type                      ? 
_entity_src_gen.pdbx_beg_seq_num                   ? 
_entity_src_gen.pdbx_end_seq_num                   ? 
_entity_src_gen.gene_src_common_name               ? 
_entity_src_gen.gene_src_genus                     Methanothermus 
_entity_src_gen.pdbx_gene_src_gene                 HMFA 
_entity_src_gen.gene_src_species                   ? 
_entity_src_gen.gene_src_strain                    ? 
_entity_src_gen.gene_src_tissue                    ? 
_entity_src_gen.gene_src_tissue_fraction           ? 
_entity_src_gen.gene_src_details                   ? 
_entity_src_gen.pdbx_gene_src_fragment             ? 
_entity_src_gen.pdbx_gene_src_scientific_name      'Methanothermus fervidus' 
_entity_src_gen.pdbx_gene_src_ncbi_taxonomy_id     2180 
_entity_src_gen.pdbx_gene_src_variant              ? 
_entity_src_gen.pdbx_gene_src_cell_line            ? 
_entity_src_gen.pdbx_gene_src_atcc                 ? 
_entity_src_gen.pdbx_gene_src_organ                ? 
_entity_src_gen.pdbx_gene_src_organelle            ? 
_entity_src_gen.pdbx_gene_src_cell                 ? 
_entity_src_gen.pdbx_gene_src_cellular_location    ? 
_entity_src_gen.host_org_common_name               ? 
_entity_src_gen.pdbx_host_org_scientific_name      'Escherichia coli' 
_entity_src_gen.pdbx_host_org_ncbi_taxonomy_id     562 
_entity_src_gen.host_org_genus                     Escherichia 
_entity_src_gen.pdbx_host_org_gene                 HMFB 
_entity_src_gen.pdbx_host_org_organ                ? 
_entity_src_gen.host_org_species                   ? 
_entity_src_gen.pdbx_host_org_tissue               ? 
_entity_src_gen.pdbx_host_org_tissue_fraction      ? 
_entity_src_gen.pdbx_host_org_strain               JM105 
_entity_src_gen.pdbx_host_org_variant              ? 
_entity_src_gen.pdbx_host_org_cell_line            ? 
_entity_src_gen.pdbx_host_org_atcc                 ? 
_entity_src_gen.pdbx_host_org_culture_collection   ? 
_entity_src_gen.pdbx_host_org_cell                 ? 
_entity_src_gen.pdbx_host_org_organelle            ? 
_entity_src_gen.pdbx_host_org_cellular_location    ? 
_entity_src_gen.pdbx_host_org_vector_type          ? 
_entity_src_gen.pdbx_host_org_vector               ? 
_entity_src_gen.host_org_details                   ? 
_entity_src_gen.expression_system_id               ? 
_entity_src_gen.plasmid_name                       PKS354 
_entity_src_gen.plasmid_details                    ? 
_entity_src_gen.pdbx_description                   ? 
# 
loop_
_chem_comp.id 
_chem_comp.type 
_chem_comp.mon_nstd_flag 
_chem_comp.name 
_chem_comp.pdbx_synonyms 
_chem_comp.formula 
_chem_comp.formula_weight 
ALA 'L-peptide linking' y ALANINE         ? 'C3 H7 N O2'     89.093  
ARG 'L-peptide linking' y ARGININE        ? 'C6 H15 N4 O2 1' 175.209 
ASN 'L-peptide linking' y ASPARAGINE      ? 'C4 H8 N2 O3'    132.118 
ASP 'L-peptide linking' y 'ASPARTIC ACID' ? 'C4 H7 N O4'     133.103 
CL  non-polymer         . 'CHLORIDE ION'  ? 'Cl -1'          35.453  
GLU 'L-peptide linking' y 'GLUTAMIC ACID' ? 'C5 H9 N O4'     147.129 
GLY 'peptide linking'   y GLYCINE         ? 'C2 H5 N O2'     75.067  
HIS 'L-peptide linking' y HISTIDINE       ? 'C6 H10 N3 O2 1' 156.162 
HOH non-polymer         . WATER           ? 'H2 O'           18.015  
ILE 'L-peptide linking' y ISOLEUCINE      ? 'C6 H13 N O2'    131.173 
LEU 'L-peptide linking' y LEUCINE         ? 'C6 H13 N O2'    131.173 
LYS 'L-peptide linking' y LYSINE          ? 'C6 H15 N2 O2 1' 147.195 
MET 'L-peptide linking' y METHIONINE      ? 'C5 H11 N O2 S'  149.211 
PHE 'L-peptide linking' y PHENYLALANINE   ? 'C9 H11 N O2'    165.189 
PRO 'L-peptide linking' y PROLINE         ? 'C5 H9 N O2'     115.130 
SER 'L-peptide linking' y SERINE          ? 'C3 H7 N O3'     105.093 
THR 'L-peptide linking' y THREONINE       ? 'C4 H9 N O3'     119.119 
VAL 'L-peptide linking' y VALINE          ? 'C5 H11 N O2'    117.146 
# 
loop_
_pdbx_poly_seq_scheme.asym_id 
_pdbx_poly_seq_scheme.entity_id 
_pdbx_poly_seq_scheme.seq_id 
_pdbx_poly_seq_scheme.mon_id 
_pdbx_poly_seq_scheme.ndb_seq_num 
_pdbx_poly_seq_scheme.pdb_seq_num 
_pdbx_poly_seq_scheme.auth_seq_num 
_pdbx_poly_seq_scheme.pdb_mon_id 
_pdbx_poly_seq_scheme.auth_mon_id 
_pdbx_poly_seq_scheme.pdb_strand_id 
_pdbx_poly_seq_scheme.pdb_ins_code 
_pdbx_poly_seq_scheme.hetero 
A 1 1  MET 1  0  0  MET MET A . n 
A 1 2  GLY 2  1  1  GLY GLY A . n 
A 1 3  GLU 3  2  2  GLU GLU A . n 
A 1 4  LEU 4  3  3  LEU LEU A . n 
A 1 5  PRO 5  4  4  PRO PRO A . n 
A 1 6  ILE 6  5  5  ILE ILE A . n 
A 1 7  ALA 7  6  6  ALA ALA A . n 
A 1 8  PRO 8  7  7  PRO PRO A . n 
A 1 9  ILE 9  8  8  ILE ILE A . n 
A 1 10 GLY 10 9  9  GLY GLY A . n 
A 1 11 ARG 11 10 10 ARG ARG A . n 
A 1 12 ILE 12 11 11 ILE ILE A . n 
A 1 13 ILE 13 12 12 ILE ILE A . n 
A 1 14 LYS 14 13 13 LYS LYS A . n 
A 1 15 ASN 15 14 14 ASN ASN A . n 
A 1 16 ALA 16 15 15 ALA ALA A . n 
A 1 17 GLY 17 16 16 GLY GLY A . n 
A 1 18 ALA 18 17 17 ALA ALA A . n 
A 1 19 GLU 19 18 18 GLU GLU A . n 
A 1 20 ARG 20 19 19 ARG ARG A . n 
A 1 21 VAL 21 20 20 VAL VAL A . n 
A 1 22 SER 22 21 21 SER SER A . n 
A 1 23 ASP 23 22 22 ASP ASP A . n 
A 1 24 ASP 24 23 23 ASP ASP A . n 
A 1 25 ALA 25 24 24 ALA ALA A . n 
A 1 26 ARG 26 25 25 ARG ARG A . n 
A 1 27 ILE 27 26 26 ILE ILE A . n 
A 1 28 ALA 28 27 27 ALA ALA A . n 
A 1 29 LEU 29 28 28 LEU LEU A . n 
A 1 30 ALA 30 29 29 ALA ALA A . n 
A 1 31 LYS 31 30 30 LYS LYS A . n 
A 1 32 VAL 32 31 31 VAL VAL A . n 
A 1 33 LEU 33 32 32 LEU LEU A . n 
A 1 34 GLU 34 33 33 GLU GLU A . n 
A 1 35 GLU 35 34 34 GLU GLU A . n 
A 1 36 MET 36 35 35 MET MET A . n 
A 1 37 GLY 37 36 36 GLY GLY A . n 
A 1 38 GLU 38 37 37 GLU GLU A . n 
A 1 39 GLU 39 38 38 GLU GLU A . n 
A 1 40 ILE 40 39 39 ILE ILE A . n 
A 1 41 ALA 41 40 40 ALA ALA A . n 
A 1 42 SER 42 41 41 SER SER A . n 
A 1 43 GLU 43 42 42 GLU GLU A . n 
A 1 44 ALA 44 43 43 ALA ALA A . n 
A 1 45 VAL 45 44 44 VAL VAL A . n 
A 1 46 LYS 46 45 45 LYS LYS A . n 
A 1 47 LEU 47 46 46 LEU LEU A . n 
A 1 48 ALA 48 47 47 ALA ALA A . n 
A 1 49 LYS 49 48 48 LYS LYS A . n 
A 1 50 HIS 50 49 49 HIS HIS A . n 
A 1 51 ALA 51 50 50 ALA ALA A . n 
A 1 52 GLY 52 51 51 GLY GLY A . n 
A 1 53 ARG 53 52 52 ARG ARG A . n 
A 1 54 LYS 54 53 53 LYS LYS A . n 
A 1 55 THR 55 54 54 THR THR A . n 
A 1 56 ILE 56 55 55 ILE ILE A . n 
A 1 57 LYS 57 56 56 LYS LYS A . n 
A 1 58 ALA 58 57 57 ALA ALA A . n 
A 1 59 GLU 59 58 58 GLU GLU A . n 
A 1 60 ASP 60 59 59 ASP ASP A . n 
A 1 61 ILE 61 60 60 ILE ILE A . n 
A 1 62 GLU 62 61 61 GLU GLU A . n 
A 1 63 LEU 63 62 62 LEU LEU A . n 
A 1 64 ALA 64 63 63 ALA ALA A . n 
A 1 65 ARG 65 64 64 ARG ARG A . n 
A 1 66 LYS 66 65 65 LYS LYS A . n 
A 1 67 MET 67 66 66 MET MET A . n 
A 1 68 PHE 68 67 67 PHE PHE A . n 
A 1 69 LYS 69 68 ?  ?   ?   A . n 
# 
loop_
_pdbx_nonpoly_scheme.asym_id 
_pdbx_nonpoly_scheme.entity_id 
_pdbx_nonpoly_scheme.mon_id 
_pdbx_nonpoly_scheme.ndb_seq_num 
_pdbx_nonpoly_scheme.pdb_seq_num 
_pdbx_nonpoly_scheme.auth_seq_num 
_pdbx_nonpoly_scheme.pdb_mon_id 
_pdbx_nonpoly_scheme.auth_mon_id 
_pdbx_nonpoly_scheme.pdb_strand_id 
_pdbx_nonpoly_scheme.pdb_ins_code 
B 2 CL  1  69  68  CL  CL  A . 
C 3 HOH 1  70  69  HOH HOH A . 
C 3 HOH 2  71  70  HOH HOH A . 
C 3 HOH 3  72  71  HOH HOH A . 
C 3 HOH 4  73  72  HOH HOH A . 
C 3 HOH 5  74  73  HOH HOH A . 
C 3 HOH 6  75  74  HOH HOH A . 
C 3 HOH 7  76  75  HOH HOH A . 
C 3 HOH 8  77  76  HOH HOH A . 
C 3 HOH 9  78  77  HOH HOH A . 
C 3 HOH 10 79  78  HOH HOH A . 
C 3 HOH 11 80  79  HOH HOH A . 
C 3 HOH 12 81  80  HOH HOH A . 
C 3 HOH 13 82  81  HOH HOH A . 
C 3 HOH 14 83  82  HOH HOH A . 
C 3 HOH 15 84  83  HOH HOH A . 
C 3 HOH 16 85  84  HOH HOH A . 
C 3 HOH 17 86  85  HOH HOH A . 
C 3 HOH 18 87  86  HOH HOH A . 
C 3 HOH 19 88  87  HOH HOH A . 
C 3 HOH 20 89  88  HOH HOH A . 
C 3 HOH 21 90  89  HOH HOH A . 
C 3 HOH 22 91  90  HOH HOH A . 
C 3 HOH 23 92  91  HOH HOH A . 
C 3 HOH 24 93  92  HOH HOH A . 
C 3 HOH 25 94  93  HOH HOH A . 
C 3 HOH 26 95  94  HOH HOH A . 
C 3 HOH 27 96  95  HOH HOH A . 
C 3 HOH 28 97  96  HOH HOH A . 
C 3 HOH 29 98  97  HOH HOH A . 
C 3 HOH 30 99  98  HOH HOH A . 
C 3 HOH 31 100 99  HOH HOH A . 
C 3 HOH 32 101 100 HOH HOH A . 
C 3 HOH 33 102 101 HOH HOH A . 
C 3 HOH 34 103 102 HOH HOH A . 
C 3 HOH 35 104 103 HOH HOH A . 
C 3 HOH 36 105 104 HOH HOH A . 
C 3 HOH 37 106 105 HOH HOH A . 
C 3 HOH 38 107 106 HOH HOH A . 
C 3 HOH 39 108 107 HOH HOH A . 
C 3 HOH 40 109 108 HOH HOH A . 
C 3 HOH 41 110 109 HOH HOH A . 
C 3 HOH 42 111 110 HOH HOH A . 
C 3 HOH 43 112 111 HOH HOH A . 
C 3 HOH 44 113 112 HOH HOH A . 
C 3 HOH 45 114 113 HOH HOH A . 
C 3 HOH 46 115 114 HOH HOH A . 
C 3 HOH 47 116 115 HOH HOH A . 
C 3 HOH 48 117 116 HOH HOH A . 
C 3 HOH 49 118 117 HOH HOH A . 
C 3 HOH 50 119 118 HOH HOH A . 
C 3 HOH 51 120 119 HOH HOH A . 
C 3 HOH 52 121 120 HOH HOH A . 
C 3 HOH 53 122 121 HOH HOH A . 
C 3 HOH 54 123 122 HOH HOH A . 
C 3 HOH 55 124 123 HOH HOH A . 
C 3 HOH 56 125 124 HOH HOH A . 
# 
loop_
_pdbx_unobs_or_zero_occ_atoms.id 
_pdbx_unobs_or_zero_occ_atoms.PDB_model_num 
_pdbx_unobs_or_zero_occ_atoms.polymer_flag 
_pdbx_unobs_or_zero_occ_atoms.occupancy_flag 
_pdbx_unobs_or_zero_occ_atoms.auth_asym_id 
_pdbx_unobs_or_zero_occ_atoms.auth_comp_id 
_pdbx_unobs_or_zero_occ_atoms.auth_seq_id 
_pdbx_unobs_or_zero_occ_atoms.PDB_ins_code 
_pdbx_unobs_or_zero_occ_atoms.auth_atom_id 
_pdbx_unobs_or_zero_occ_atoms.label_alt_id 
_pdbx_unobs_or_zero_occ_atoms.label_asym_id 
_pdbx_unobs_or_zero_occ_atoms.label_comp_id 
_pdbx_unobs_or_zero_occ_atoms.label_seq_id 
_pdbx_unobs_or_zero_occ_atoms.label_atom_id 
1 1 Y 1 A LYS 13 ? CD  ? A LYS 14 CD  
2 1 Y 1 A LYS 13 ? CE  ? A LYS 14 CE  
3 1 Y 1 A LYS 13 ? NZ  ? A LYS 14 NZ  
4 1 Y 1 A ASP 23 ? CG  ? A ASP 24 CG  
5 1 Y 1 A ASP 23 ? OD1 ? A ASP 24 OD1 
6 1 Y 1 A ASP 23 ? OD2 ? A ASP 24 OD2 
# 
loop_
_software.name 
_software.classification 
_software.version 
_software.citation_id 
_software.pdbx_ordinal 
AMoRE  phasing          .           ? 1 
REFMAC refinement       .           ? 2 
DENZO  'data reduction' .           ? 3 
CCP4   'data scaling'   '(AGROVATA' ? 4 
SCALA  'data scaling'   .           ? 5 
# 
_cell.entry_id           1HTA 
_cell.length_a           41.700 
_cell.length_b           41.700 
_cell.length_c           81.980 
_cell.angle_alpha        90.00 
_cell.angle_beta         90.00 
_cell.angle_gamma        90.00 
_cell.Z_PDB              8 
_cell.pdbx_unique_axis   ? 
# 
_symmetry.entry_id                         1HTA 
_symmetry.space_group_name_H-M             'P 42 21 2' 
_symmetry.pdbx_full_space_group_name_H-M   ? 
_symmetry.cell_setting                     ? 
_symmetry.Int_Tables_number                94 
# 
_exptl.entry_id          1HTA 
_exptl.method            'X-RAY DIFFRACTION' 
_exptl.crystals_number   1 
# 
_exptl_crystal.id                    1 
_exptl_crystal.density_meas          ? 
_exptl_crystal.density_Matthews      2.4 
_exptl_crystal.density_percent_sol   40 
_exptl_crystal.description           'ORTHOROMBIC HMFA STRUCTURE WILL BE SUBMITTED SOON' 
# 
_diffrn.id                     1 
_diffrn.ambient_temp           293 
_diffrn.ambient_temp_details   ? 
_diffrn.crystal_id             1 
# 
_diffrn_detector.diffrn_id              1 
_diffrn_detector.detector               'IMAGE PLATE' 
_diffrn_detector.type                   MARRESEARCH 
_diffrn_detector.pdbx_collection_date   1995-09 
_diffrn_detector.details                'SEGMENTED MIRROR' 
# 
_diffrn_radiation.diffrn_id                        1 
_diffrn_radiation.wavelength_id                    1 
_diffrn_radiation.pdbx_monochromatic_or_laue_m_l   M 
_diffrn_radiation.monochromator                    'BENT SINGLE-CRYSTAL GERMANIUM TRIANGULAR MONOCHROMATOR' 
_diffrn_radiation.pdbx_diffrn_protocol             ? 
_diffrn_radiation.pdbx_scattering_type             x-ray 
# 
_diffrn_radiation_wavelength.id           1 
_diffrn_radiation_wavelength.wavelength   0.937 
_diffrn_radiation_wavelength.wt           1.0 
# 
_diffrn_source.diffrn_id                   1 
_diffrn_source.source                      SYNCHROTRON 
_diffrn_source.type                        'EMBL/DESY, HAMBURG BEAMLINE X11' 
_diffrn_source.pdbx_synchrotron_site       'EMBL/DESY, HAMBURG' 
_diffrn_source.pdbx_synchrotron_beamline   X11 
_diffrn_source.pdbx_wavelength             0.937 
_diffrn_source.pdbx_wavelength_list        ? 
# 
_reflns.entry_id                     1HTA 
_reflns.observed_criterion_sigma_I   0 
_reflns.observed_criterion_sigma_F   ? 
_reflns.d_resolution_low             37.3 
_reflns.d_resolution_high            1.55 
_reflns.number_obs                   10817 
_reflns.number_all                   ? 
_reflns.percent_possible_obs         98.2 
_reflns.pdbx_Rmerge_I_obs            0.0690000 
_reflns.pdbx_Rsym_value              0.0690000 
_reflns.pdbx_netI_over_sigmaI        4.8 
_reflns.B_iso_Wilson_estimate        22.87 
_reflns.pdbx_redundancy              7.1 
_reflns.pdbx_ordinal                 1 
_reflns.pdbx_diffrn_id               1 
# 
_reflns_shell.d_res_high             1.55 
_reflns_shell.d_res_low              1.6 
_reflns_shell.percent_possible_all   99 
_reflns_shell.Rmerge_I_obs           0.2470000 
_reflns_shell.pdbx_Rsym_value        0.2470000 
_reflns_shell.meanI_over_sigI_obs    3.0 
_reflns_shell.pdbx_redundancy        6.8 
_reflns_shell.pdbx_ordinal           1 
_reflns_shell.pdbx_diffrn_id         1 
# 
_refine.entry_id                                 1HTA 
_refine.ls_number_reflns_obs                     10797 
_refine.ls_number_reflns_all                     ? 
_refine.pdbx_ls_sigma_I                          ? 
_refine.pdbx_ls_sigma_F                          0 
_refine.pdbx_data_cutoff_high_absF               ? 
_refine.pdbx_data_cutoff_low_absF                ? 
_refine.pdbx_data_cutoff_high_rms_absF           ? 
_refine.ls_d_res_low                             18.0 
_refine.ls_d_res_high                            1.55 
_refine.ls_percent_reflns_obs                    97.4 
_refine.ls_R_factor_obs                          0.2000000 
_refine.ls_R_factor_all                          ? 
_refine.ls_R_factor_R_work                       0.1980000 
_refine.ls_R_factor_R_free                       0.2480000 
_refine.ls_R_factor_R_free_error                 ? 
_refine.ls_R_factor_R_free_error_details         ? 
_refine.ls_percent_reflns_R_free                 5 
_refine.ls_number_reflns_R_free                  520 
_refine.ls_number_parameters                     ? 
_refine.ls_number_restraints                     ? 
_refine.occupancy_min                            ? 
_refine.occupancy_max                            ? 
_refine.B_iso_mean                               25.34 
_refine.aniso_B[1][1]                            1.398 
_refine.aniso_B[2][2]                            0.0 
_refine.aniso_B[3][3]                            0.0 
_refine.aniso_B[1][2]                            1.398 
_refine.aniso_B[1][3]                            0.0 
_refine.aniso_B[2][3]                            -2.69 
_refine.solvent_model_details                    ? 
_refine.solvent_model_param_ksol                 ? 
_refine.solvent_model_param_bsol                 ? 
_refine.pdbx_ls_cross_valid_method               'AFTER RIGID BODY REFINEMENT' 
_refine.details                                  
'RIGID BODY WITH AMORE, SIMULATED ANNEALING WITH X-PLOR, REFINEMENT WITH REFMAC. ESD FROM LUZZATI PLOT (A) : 0.2' 
_refine.pdbx_starting_model                      'PARTIALLY REFINED ORTHORHOMBIC HMFA' 
_refine.pdbx_method_to_determine_struct          'MOLECULAR REPLACEMENT' 
_refine.pdbx_isotropic_thermal_model             ? 
_refine.pdbx_stereochemistry_target_values       ? 
_refine.pdbx_stereochem_target_val_spec_case     ? 
_refine.pdbx_R_Free_selection_details            RANDOM 
_refine.pdbx_overall_ESU_R                       ? 
_refine.pdbx_overall_ESU_R_Free                  ? 
_refine.overall_SU_ML                            ? 
_refine.overall_SU_B                             ? 
_refine.pdbx_refine_id                           'X-RAY DIFFRACTION' 
_refine.pdbx_diffrn_id                           1 
_refine.pdbx_TLS_residual_ADP_flag               ? 
_refine.correlation_coeff_Fo_to_Fc               ? 
_refine.correlation_coeff_Fo_to_Fc_free          ? 
_refine.pdbx_solvent_vdw_probe_radii             ? 
_refine.pdbx_solvent_ion_probe_radii             ? 
_refine.pdbx_solvent_shrinkage_radii             ? 
_refine.pdbx_overall_phase_error                 ? 
_refine.overall_SU_R_Cruickshank_DPI             ? 
_refine.pdbx_overall_SU_R_free_Cruickshank_DPI   ? 
_refine.pdbx_overall_SU_R_Blow_DPI               ? 
_refine.pdbx_overall_SU_R_free_Blow_DPI          ? 
# 
_refine_analyze.entry_id                        1HTA 
_refine_analyze.Luzzati_coordinate_error_obs    0.2 
_refine_analyze.Luzzati_sigma_a_obs             ? 
_refine_analyze.Luzzati_d_res_low_obs           ? 
_refine_analyze.Luzzati_coordinate_error_free   ? 
_refine_analyze.Luzzati_sigma_a_free            ? 
_refine_analyze.Luzzati_d_res_low_free          ? 
_refine_analyze.number_disordered_residues      ? 
_refine_analyze.occupancy_sum_hydrogen          ? 
_refine_analyze.occupancy_sum_non_hydrogen      ? 
_refine_analyze.pdbx_refine_id                  'X-RAY DIFFRACTION' 
# 
_refine_hist.pdbx_refine_id                   'X-RAY DIFFRACTION' 
_refine_hist.cycle_id                         LAST 
_refine_hist.pdbx_number_atoms_protein        508 
_refine_hist.pdbx_number_atoms_nucleic_acid   0 
_refine_hist.pdbx_number_atoms_ligand         1 
_refine_hist.number_atoms_solvent             56 
_refine_hist.number_atoms_total               565 
_refine_hist.d_res_high                       1.55 
_refine_hist.d_res_low                        18.0 
# 
loop_
_refine_ls_restr.type 
_refine_ls_restr.dev_ideal 
_refine_ls_restr.dev_ideal_target 
_refine_ls_restr.weight 
_refine_ls_restr.number 
_refine_ls_restr.pdbx_refine_id 
_refine_ls_restr.pdbx_restraint_function 
p_bond_d            0.022  0.020 ? ? 'X-RAY DIFFRACTION' ? 
p_angle_d           0.039  0.040 ? ? 'X-RAY DIFFRACTION' ? 
p_angle_deg         ?      ?     ? ? 'X-RAY DIFFRACTION' ? 
p_planar_d          0.047  0.050 ? ? 'X-RAY DIFFRACTION' ? 
p_hb_or_metal_coord ?      ?     ? ? 'X-RAY DIFFRACTION' ? 
p_mcbond_it         1.932  2.000 ? ? 'X-RAY DIFFRACTION' ? 
p_mcangle_it        2.676  3.000 ? ? 'X-RAY DIFFRACTION' ? 
p_scbond_it         3.426  2.000 ? ? 'X-RAY DIFFRACTION' ? 
p_scangle_it        5.241  3.000 ? ? 'X-RAY DIFFRACTION' ? 
p_plane_restr       0.0242 0.03  ? ? 'X-RAY DIFFRACTION' ? 
p_chiral_restr      0.161  0.150 ? ? 'X-RAY DIFFRACTION' ? 
p_singtor_nbd       0.178  0.3   ? ? 'X-RAY DIFFRACTION' ? 
p_multtor_nbd       0.3    0.3   ? ? 'X-RAY DIFFRACTION' ? 
p_xhyhbond_nbd      0.3    ?     ? ? 'X-RAY DIFFRACTION' ? 
p_xyhbond_nbd       0.3    ?     ? ? 'X-RAY DIFFRACTION' ? 
p_planar_tor        3.9    7.0   ? ? 'X-RAY DIFFRACTION' ? 
p_staggered_tor     17.7   15.0  ? ? 'X-RAY DIFFRACTION' ? 
p_orthonormal_tor   ?      ?     ? ? 'X-RAY DIFFRACTION' ? 
p_transverse_tor    4.5    20.0  ? ? 'X-RAY DIFFRACTION' ? 
p_special_tor       0.0    15.0  ? ? 'X-RAY DIFFRACTION' ? 
# 
_struct.entry_id                  1HTA 
_struct.title                     'CRYSTAL STRUCTURE OF THE HISTONE HMFA FROM METHANOTHERMUS FERVIDUS' 
_struct.pdbx_model_details        ? 
_struct.pdbx_CASP_flag            ? 
_struct.pdbx_model_type_details   ? 
# 
_struct_keywords.entry_id        1HTA 
_struct_keywords.pdbx_keywords   HISTONE 
_struct_keywords.text            HISTONE 
# 
loop_
_struct_asym.id 
_struct_asym.pdbx_blank_PDB_chainid_flag 
_struct_asym.pdbx_modified 
_struct_asym.entity_id 
_struct_asym.details 
A N N 1 ? 
B N N 2 ? 
C N N 3 ? 
# 
_struct_ref.id                         1 
_struct_ref.db_name                    UNP 
_struct_ref.db_code                    HMFA_METFE 
_struct_ref.entity_id                  1 
_struct_ref.pdbx_db_accession          P48781 
_struct_ref.pdbx_align_begin           1 
_struct_ref.pdbx_seq_one_letter_code   MGELPIAPIGRIIKNAGAERVSDDARIALAKVLEEMGEEIASEAVKLAKHAGRKTIKAEDIELARKMFK 
_struct_ref.pdbx_db_isoform            ? 
# 
_struct_ref_seq.align_id                      1 
_struct_ref_seq.ref_id                        1 
_struct_ref_seq.pdbx_PDB_id_code              1HTA 
_struct_ref_seq.pdbx_strand_id                A 
_struct_ref_seq.seq_align_beg                 1 
_struct_ref_seq.pdbx_seq_align_beg_ins_code   ? 
_struct_ref_seq.seq_align_end                 69 
_struct_ref_seq.pdbx_seq_align_end_ins_code   ? 
_struct_ref_seq.pdbx_db_accession             P48781 
_struct_ref_seq.db_align_beg                  1 
_struct_ref_seq.pdbx_db_align_beg_ins_code    ? 
_struct_ref_seq.db_align_end                  69 
_struct_ref_seq.pdbx_db_align_end_ins_code    ? 
_struct_ref_seq.pdbx_auth_seq_align_beg       0 
_struct_ref_seq.pdbx_auth_seq_align_end       68 
# 
_pdbx_struct_assembly.id                   1 
_pdbx_struct_assembly.details              author_and_software_defined_assembly 
_pdbx_struct_assembly.method_details       PISA,PQS 
_pdbx_struct_assembly.oligomeric_details   dimeric 
_pdbx_struct_assembly.oligomeric_count     2 
# 
loop_
_pdbx_struct_assembly_prop.biol_id 
_pdbx_struct_assembly_prop.type 
_pdbx_struct_assembly_prop.value 
_pdbx_struct_assembly_prop.details 
1 'ABSA (A^2)' 3550 ? 
1 MORE         -45  ? 
1 'SSA (A^2)'  7160 ? 
# 
_pdbx_struct_assembly_gen.assembly_id       1 
_pdbx_struct_assembly_gen.oper_expression   1,2 
_pdbx_struct_assembly_gen.asym_id_list      A,B,C 
# 
loop_
_pdbx_struct_oper_list.id 
_pdbx_struct_oper_list.type 
_pdbx_struct_oper_list.name 
_pdbx_struct_oper_list.symmetry_operation 
_pdbx_struct_oper_list.matrix[1][1] 
_pdbx_struct_oper_list.matrix[1][2] 
_pdbx_struct_oper_list.matrix[1][3] 
_pdbx_struct_oper_list.vector[1] 
_pdbx_struct_oper_list.matrix[2][1] 
_pdbx_struct_oper_list.matrix[2][2] 
_pdbx_struct_oper_list.matrix[2][3] 
_pdbx_struct_oper_list.vector[2] 
_pdbx_struct_oper_list.matrix[3][1] 
_pdbx_struct_oper_list.matrix[3][2] 
_pdbx_struct_oper_list.matrix[3][3] 
_pdbx_struct_oper_list.vector[3] 
1 'identity operation'         1_555 x,y,z     1.0000000000  0.0000000000 0.0000000000 0.0000000000  0.0000000000 1.0000000000 0.0000000000 0.0000000000 0.0000000000 0.0000000000 1.0000000000  0.0000000000  
2 'crystal symmetry operation' 2_565 -x,-y+1,z -0.6935579962 0.6732721556 0.2562848228 -1.8282810244 0.6732721556 0.4792208310 0.5630737070 2.8007818683 0.2562848228 0.5630737070 -0.7856628348 -5.1716926928 
# 
_struct_biol.id   1 
# 
loop_
_struct_conf.conf_type_id 
_struct_conf.id 
_struct_conf.pdbx_PDB_helix_id 
_struct_conf.beg_label_comp_id 
_struct_conf.beg_label_asym_id 
_struct_conf.beg_label_seq_id 
_struct_conf.pdbx_beg_PDB_ins_code 
_struct_conf.end_label_comp_id 
_struct_conf.end_label_asym_id 
_struct_conf.end_label_seq_id 
_struct_conf.pdbx_end_PDB_ins_code 
_struct_conf.beg_auth_comp_id 
_struct_conf.beg_auth_asym_id 
_struct_conf.beg_auth_seq_id 
_struct_conf.end_auth_comp_id 
_struct_conf.end_auth_asym_id 
_struct_conf.end_auth_seq_id 
_struct_conf.pdbx_PDB_helix_class 
_struct_conf.details 
_struct_conf.pdbx_PDB_helix_length 
HELX_P HELX_P1 1 ILE A 6  ? ASN A 15 ? ILE A 5  ASN A 14 1 ? 10 
HELX_P HELX_P2 2 ASP A 23 ? HIS A 50 ? ASP A 22 HIS A 49 1 ? 28 
HELX_P HELX_P3 3 ALA A 58 ? LYS A 66 ? ALA A 57 LYS A 65 1 ? 9  
# 
_struct_conf_type.id          HELX_P 
_struct_conf_type.criteria    ? 
_struct_conf_type.reference   ? 
# 
_struct_site.id                   AC1 
_struct_site.pdbx_evidence_code   Software 
_struct_site.pdbx_auth_asym_id    A 
_struct_site.pdbx_auth_comp_id    CL 
_struct_site.pdbx_auth_seq_id     69 
_struct_site.pdbx_auth_ins_code   ? 
_struct_site.pdbx_num_residues    3 
_struct_site.details              'BINDING SITE FOR RESIDUE CL A 69' 
# 
loop_
_struct_site_gen.id 
_struct_site_gen.site_id 
_struct_site_gen.pdbx_num_res 
_struct_site_gen.label_comp_id 
_struct_site_gen.label_asym_id 
_struct_site_gen.label_seq_id 
_struct_site_gen.pdbx_auth_ins_code 
_struct_site_gen.auth_comp_id 
_struct_site_gen.auth_asym_id 
_struct_site_gen.auth_seq_id 
_struct_site_gen.label_atom_id 
_struct_site_gen.label_alt_id 
_struct_site_gen.symmetry 
_struct_site_gen.details 
1 AC1 3 ILE A 6  ? ILE A 5  . ? 6_555 ? 
2 AC1 3 LYS A 54 ? LYS A 53 . ? 1_555 ? 
3 AC1 3 THR A 55 ? THR A 54 . ? 1_555 ? 
# 
loop_
_pdbx_validate_rmsd_angle.id 
_pdbx_validate_rmsd_angle.PDB_model_num 
_pdbx_validate_rmsd_angle.auth_atom_id_1 
_pdbx_validate_rmsd_angle.auth_asym_id_1 
_pdbx_validate_rmsd_angle.auth_comp_id_1 
_pdbx_validate_rmsd_angle.auth_seq_id_1 
_pdbx_validate_rmsd_angle.PDB_ins_code_1 
_pdbx_validate_rmsd_angle.label_alt_id_1 
_pdbx_validate_rmsd_angle.auth_atom_id_2 
_pdbx_validate_rmsd_angle.auth_asym_id_2 
_pdbx_validate_rmsd_angle.auth_comp_id_2 
_pdbx_validate_rmsd_angle.auth_seq_id_2 
_pdbx_validate_rmsd_angle.PDB_ins_code_2 
_pdbx_validate_rmsd_angle.label_alt_id_2 
_pdbx_validate_rmsd_angle.auth_atom_id_3 
_pdbx_validate_rmsd_angle.auth_asym_id_3 
_pdbx_validate_rmsd_angle.auth_comp_id_3 
_pdbx_validate_rmsd_angle.auth_seq_id_3 
_pdbx_validate_rmsd_angle.PDB_ins_code_3 
_pdbx_validate_rmsd_angle.label_alt_id_3 
_pdbx_validate_rmsd_angle.angle_value 
_pdbx_validate_rmsd_angle.angle_target_value 
_pdbx_validate_rmsd_angle.angle_deviation 
_pdbx_validate_rmsd_angle.angle_standard_deviation 
_pdbx_validate_rmsd_angle.linker_flag 
1 1 CD  A ARG 10 ? ? NE A ARG 10 ? ? CZ  A ARG 10 ? ? 148.91 123.60 25.31  1.40 N 
2 1 NH1 A ARG 10 ? ? CZ A ARG 10 ? ? NH2 A ARG 10 ? ? 126.64 119.40 7.24   1.10 N 
3 1 NE  A ARG 10 ? ? CZ A ARG 10 ? ? NH2 A ARG 10 ? ? 113.30 120.30 -7.00  0.50 N 
4 1 NE  A ARG 19 ? ? CZ A ARG 19 ? ? NH1 A ARG 19 ? ? 126.82 120.30 6.52   0.50 N 
5 1 NE  A ARG 19 ? ? CZ A ARG 19 ? ? NH2 A ARG 19 ? ? 112.44 120.30 -7.86  0.50 N 
6 1 CB  A ASP 22 ? ? CG A ASP 22 ? ? OD1 A ASP 22 ? ? 129.28 118.30 10.98  0.90 N 
7 1 O   A ASP 22 ? ? C  A ASP 22 ? ? N   A ASP 23 ? ? 107.09 122.70 -15.61 1.60 Y 
8 1 CD  A ARG 64 ? ? NE A ARG 64 ? ? CZ  A ARG 64 ? ? 132.51 123.60 8.91   1.40 N 
9 1 CG  A MET 66 ? ? SD A MET 66 ? ? CE  A MET 66 ? ? 87.44  100.20 -12.76 1.60 N 
# 
_pdbx_unobs_or_zero_occ_residues.id               1 
_pdbx_unobs_or_zero_occ_residues.PDB_model_num    1 
_pdbx_unobs_or_zero_occ_residues.polymer_flag     Y 
_pdbx_unobs_or_zero_occ_residues.occupancy_flag   1 
_pdbx_unobs_or_zero_occ_residues.auth_asym_id     A 
_pdbx_unobs_or_zero_occ_residues.auth_comp_id     LYS 
_pdbx_unobs_or_zero_occ_residues.auth_seq_id      68 
_pdbx_unobs_or_zero_occ_residues.PDB_ins_code     ? 
_pdbx_unobs_or_zero_occ_residues.label_asym_id    A 
_pdbx_unobs_or_zero_occ_residues.label_comp_id    LYS 
_pdbx_unobs_or_zero_occ_residues.label_seq_id     69 
# 
loop_
_chem_comp_atom.comp_id 
_chem_comp_atom.atom_id 
_chem_comp_atom.type_symbol 
_chem_comp_atom.pdbx_aromatic_flag 
_chem_comp_atom.pdbx_stereo_config 
_chem_comp_atom.pdbx_ordinal 
ALA N    N  N N 1   
ALA CA   C  N S 2   
ALA C    C  N N 3   
ALA O    O  N N 4   
ALA CB   C  N N 5   
ALA OXT  O  N N 6   
ALA H    H  N N 7   
ALA H2   H  N N 8   
ALA HA   H  N N 9   
ALA HB1  H  N N 10  
ALA HB2  H  N N 11  
ALA HB3  H  N N 12  
ALA HXT  H  N N 13  
ARG N    N  N N 14  
ARG CA   C  N S 15  
ARG C    C  N N 16  
ARG O    O  N N 17  
ARG CB   C  N N 18  
ARG CG   C  N N 19  
ARG CD   C  N N 20  
ARG NE   N  N N 21  
ARG CZ   C  N N 22  
ARG NH1  N  N N 23  
ARG NH2  N  N N 24  
ARG OXT  O  N N 25  
ARG H    H  N N 26  
ARG H2   H  N N 27  
ARG HA   H  N N 28  
ARG HB2  H  N N 29  
ARG HB3  H  N N 30  
ARG HG2  H  N N 31  
ARG HG3  H  N N 32  
ARG HD2  H  N N 33  
ARG HD3  H  N N 34  
ARG HE   H  N N 35  
ARG HH11 H  N N 36  
ARG HH12 H  N N 37  
ARG HH21 H  N N 38  
ARG HH22 H  N N 39  
ARG HXT  H  N N 40  
ASN N    N  N N 41  
ASN CA   C  N S 42  
ASN C    C  N N 43  
ASN O    O  N N 44  
ASN CB   C  N N 45  
ASN CG   C  N N 46  
ASN OD1  O  N N 47  
ASN ND2  N  N N 48  
ASN OXT  O  N N 49  
ASN H    H  N N 50  
ASN H2   H  N N 51  
ASN HA   H  N N 52  
ASN HB2  H  N N 53  
ASN HB3  H  N N 54  
ASN HD21 H  N N 55  
ASN HD22 H  N N 56  
ASN HXT  H  N N 57  
ASP N    N  N N 58  
ASP CA   C  N S 59  
ASP C    C  N N 60  
ASP O    O  N N 61  
ASP CB   C  N N 62  
ASP CG   C  N N 63  
ASP OD1  O  N N 64  
ASP OD2  O  N N 65  
ASP OXT  O  N N 66  
ASP H    H  N N 67  
ASP H2   H  N N 68  
ASP HA   H  N N 69  
ASP HB2  H  N N 70  
ASP HB3  H  N N 71  
ASP HD2  H  N N 72  
ASP HXT  H  N N 73  
CL  CL   CL N N 74  
GLU N    N  N N 75  
GLU CA   C  N S 76  
GLU C    C  N N 77  
GLU O    O  N N 78  
GLU CB   C  N N 79  
GLU CG   C  N N 80  
GLU CD   C  N N 81  
GLU OE1  O  N N 82  
GLU OE2  O  N N 83  
GLU OXT  O  N N 84  
GLU H    H  N N 85  
GLU H2   H  N N 86  
GLU HA   H  N N 87  
GLU HB2  H  N N 88  
GLU HB3  H  N N 89  
GLU HG2  H  N N 90  
GLU HG3  H  N N 91  
GLU HE2  H  N N 92  
GLU HXT  H  N N 93  
GLY N    N  N N 94  
GLY CA   C  N N 95  
GLY C    C  N N 96  
GLY O    O  N N 97  
GLY OXT  O  N N 98  
GLY H    H  N N 99  
GLY H2   H  N N 100 
GLY HA2  H  N N 101 
GLY HA3  H  N N 102 
GLY HXT  H  N N 103 
HIS N    N  N N 104 
HIS CA   C  N S 105 
HIS C    C  N N 106 
HIS O    O  N N 107 
HIS CB   C  N N 108 
HIS CG   C  Y N 109 
HIS ND1  N  Y N 110 
HIS CD2  C  Y N 111 
HIS CE1  C  Y N 112 
HIS NE2  N  Y N 113 
HIS OXT  O  N N 114 
HIS H    H  N N 115 
HIS H2   H  N N 116 
HIS HA   H  N N 117 
HIS HB2  H  N N 118 
HIS HB3  H  N N 119 
HIS HD1  H  N N 120 
HIS HD2  H  N N 121 
HIS HE1  H  N N 122 
HIS HE2  H  N N 123 
HIS HXT  H  N N 124 
HOH O    O  N N 125 
HOH H1   H  N N 126 
HOH H2   H  N N 127 
ILE N    N  N N 128 
ILE CA   C  N S 129 
ILE C    C  N N 130 
ILE O    O  N N 131 
ILE CB   C  N S 132 
ILE CG1  C  N N 133 
ILE CG2  C  N N 134 
ILE CD1  C  N N 135 
ILE OXT  O  N N 136 
ILE H    H  N N 137 
ILE H2   H  N N 138 
ILE HA   H  N N 139 
ILE HB   H  N N 140 
ILE HG12 H  N N 141 
ILE HG13 H  N N 142 
ILE HG21 H  N N 143 
ILE HG22 H  N N 144 
ILE HG23 H  N N 145 
ILE HD11 H  N N 146 
ILE HD12 H  N N 147 
ILE HD13 H  N N 148 
ILE HXT  H  N N 149 
LEU N    N  N N 150 
LEU CA   C  N S 151 
LEU C    C  N N 152 
LEU O    O  N N 153 
LEU CB   C  N N 154 
LEU CG   C  N N 155 
LEU CD1  C  N N 156 
LEU CD2  C  N N 157 
LEU OXT  O  N N 158 
LEU H    H  N N 159 
LEU H2   H  N N 160 
LEU HA   H  N N 161 
LEU HB2  H  N N 162 
LEU HB3  H  N N 163 
LEU HG   H  N N 164 
LEU HD11 H  N N 165 
LEU HD12 H  N N 166 
LEU HD13 H  N N 167 
LEU HD21 H  N N 168 
LEU HD22 H  N N 169 
LEU HD23 H  N N 170 
LEU HXT  H  N N 171 
LYS N    N  N N 172 
LYS CA   C  N S 173 
LYS C    C  N N 174 
LYS O    O  N N 175 
LYS CB   C  N N 176 
LYS CG   C  N N 177 
LYS CD   C  N N 178 
LYS CE   C  N N 179 
LYS NZ   N  N N 180 
LYS OXT  O  N N 181 
LYS H    H  N N 182 
LYS H2   H  N N 183 
LYS HA   H  N N 184 
LYS HB2  H  N N 185 
LYS HB3  H  N N 186 
LYS HG2  H  N N 187 
LYS HG3  H  N N 188 
LYS HD2  H  N N 189 
LYS HD3  H  N N 190 
LYS HE2  H  N N 191 
LYS HE3  H  N N 192 
LYS HZ1  H  N N 193 
LYS HZ2  H  N N 194 
LYS HZ3  H  N N 195 
LYS HXT  H  N N 196 
MET N    N  N N 197 
MET CA   C  N S 198 
MET C    C  N N 199 
MET O    O  N N 200 
MET CB   C  N N 201 
MET CG   C  N N 202 
MET SD   S  N N 203 
MET CE   C  N N 204 
MET OXT  O  N N 205 
MET H    H  N N 206 
MET H2   H  N N 207 
MET HA   H  N N 208 
MET HB2  H  N N 209 
MET HB3  H  N N 210 
MET HG2  H  N N 211 
MET HG3  H  N N 212 
MET HE1  H  N N 213 
MET HE2  H  N N 214 
MET HE3  H  N N 215 
MET HXT  H  N N 216 
PHE N    N  N N 217 
PHE CA   C  N S 218 
PHE C    C  N N 219 
PHE O    O  N N 220 
PHE CB   C  N N 221 
PHE CG   C  Y N 222 
PHE CD1  C  Y N 223 
PHE CD2  C  Y N 224 
PHE CE1  C  Y N 225 
PHE CE2  C  Y N 226 
PHE CZ   C  Y N 227 
PHE OXT  O  N N 228 
PHE H    H  N N 229 
PHE H2   H  N N 230 
PHE HA   H  N N 231 
PHE HB2  H  N N 232 
PHE HB3  H  N N 233 
PHE HD1  H  N N 234 
PHE HD2  H  N N 235 
PHE HE1  H  N N 236 
PHE HE2  H  N N 237 
PHE HZ   H  N N 238 
PHE HXT  H  N N 239 
PRO N    N  N N 240 
PRO CA   C  N S 241 
PRO C    C  N N 242 
PRO O    O  N N 243 
PRO CB   C  N N 244 
PRO CG   C  N N 245 
PRO CD   C  N N 246 
PRO OXT  O  N N 247 
PRO H    H  N N 248 
PRO HA   H  N N 249 
PRO HB2  H  N N 250 
PRO HB3  H  N N 251 
PRO HG2  H  N N 252 
PRO HG3  H  N N 253 
PRO HD2  H  N N 254 
PRO HD3  H  N N 255 
PRO HXT  H  N N 256 
SER N    N  N N 257 
SER CA   C  N S 258 
SER C    C  N N 259 
SER O    O  N N 260 
SER CB   C  N N 261 
SER OG   O  N N 262 
SER OXT  O  N N 263 
SER H    H  N N 264 
SER H2   H  N N 265 
SER HA   H  N N 266 
SER HB2  H  N N 267 
SER HB3  H  N N 268 
SER HG   H  N N 269 
SER HXT  H  N N 270 
THR N    N  N N 271 
THR CA   C  N S 272 
THR C    C  N N 273 
THR O    O  N N 274 
THR CB   C  N R 275 
THR OG1  O  N N 276 
THR CG2  C  N N 277 
THR OXT  O  N N 278 
THR H    H  N N 279 
THR H2   H  N N 280 
THR HA   H  N N 281 
THR HB   H  N N 282 
THR HG1  H  N N 283 
THR HG21 H  N N 284 
THR HG22 H  N N 285 
THR HG23 H  N N 286 
THR HXT  H  N N 287 
VAL N    N  N N 288 
VAL CA   C  N S 289 
VAL C    C  N N 290 
VAL O    O  N N 291 
VAL CB   C  N N 292 
VAL CG1  C  N N 293 
VAL CG2  C  N N 294 
VAL OXT  O  N N 295 
VAL H    H  N N 296 
VAL H2   H  N N 297 
VAL HA   H  N N 298 
VAL HB   H  N N 299 
VAL HG11 H  N N 300 
VAL HG12 H  N N 301 
VAL HG13 H  N N 302 
VAL HG21 H  N N 303 
VAL HG22 H  N N 304 
VAL HG23 H  N N 305 
VAL HXT  H  N N 306 
# 
loop_
_chem_comp_bond.comp_id 
_chem_comp_bond.atom_id_1 
_chem_comp_bond.atom_id_2 
_chem_comp_bond.value_order 
_chem_comp_bond.pdbx_aromatic_flag 
_chem_comp_bond.pdbx_stereo_config 
_chem_comp_bond.pdbx_ordinal 
ALA N   CA   sing N N 1   
ALA N   H    sing N N 2   
ALA N   H2   sing N N 3   
ALA CA  C    sing N N 4   
ALA CA  CB   sing N N 5   
ALA CA  HA   sing N N 6   
ALA C   O    doub N N 7   
ALA C   OXT  sing N N 8   
ALA CB  HB1  sing N N 9   
ALA CB  HB2  sing N N 10  
ALA CB  HB3  sing N N 11  
ALA OXT HXT  sing N N 12  
ARG N   CA   sing N N 13  
ARG N   H    sing N N 14  
ARG N   H2   sing N N 15  
ARG CA  C    sing N N 16  
ARG CA  CB   sing N N 17  
ARG CA  HA   sing N N 18  
ARG C   O    doub N N 19  
ARG C   OXT  sing N N 20  
ARG CB  CG   sing N N 21  
ARG CB  HB2  sing N N 22  
ARG CB  HB3  sing N N 23  
ARG CG  CD   sing N N 24  
ARG CG  HG2  sing N N 25  
ARG CG  HG3  sing N N 26  
ARG CD  NE   sing N N 27  
ARG CD  HD2  sing N N 28  
ARG CD  HD3  sing N N 29  
ARG NE  CZ   sing N N 30  
ARG NE  HE   sing N N 31  
ARG CZ  NH1  sing N N 32  
ARG CZ  NH2  doub N N 33  
ARG NH1 HH11 sing N N 34  
ARG NH1 HH12 sing N N 35  
ARG NH2 HH21 sing N N 36  
ARG NH2 HH22 sing N N 37  
ARG OXT HXT  sing N N 38  
ASN N   CA   sing N N 39  
ASN N   H    sing N N 40  
ASN N   H2   sing N N 41  
ASN CA  C    sing N N 42  
ASN CA  CB   sing N N 43  
ASN CA  HA   sing N N 44  
ASN C   O    doub N N 45  
ASN C   OXT  sing N N 46  
ASN CB  CG   sing N N 47  
ASN CB  HB2  sing N N 48  
ASN CB  HB3  sing N N 49  
ASN CG  OD1  doub N N 50  
ASN CG  ND2  sing N N 51  
ASN ND2 HD21 sing N N 52  
ASN ND2 HD22 sing N N 53  
ASN OXT HXT  sing N N 54  
ASP N   CA   sing N N 55  
ASP N   H    sing N N 56  
ASP N   H2   sing N N 57  
ASP CA  C    sing N N 58  
ASP CA  CB   sing N N 59  
ASP CA  HA   sing N N 60  
ASP C   O    doub N N 61  
ASP C   OXT  sing N N 62  
ASP CB  CG   sing N N 63  
ASP CB  HB2  sing N N 64  
ASP CB  HB3  sing N N 65  
ASP CG  OD1  doub N N 66  
ASP CG  OD2  sing N N 67  
ASP OD2 HD2  sing N N 68  
ASP OXT HXT  sing N N 69  
GLU N   CA   sing N N 70  
GLU N   H    sing N N 71  
GLU N   H2   sing N N 72  
GLU CA  C    sing N N 73  
GLU CA  CB   sing N N 74  
GLU CA  HA   sing N N 75  
GLU C   O    doub N N 76  
GLU C   OXT  sing N N 77  
GLU CB  CG   sing N N 78  
GLU CB  HB2  sing N N 79  
GLU CB  HB3  sing N N 80  
GLU CG  CD   sing N N 81  
GLU CG  HG2  sing N N 82  
GLU CG  HG3  sing N N 83  
GLU CD  OE1  doub N N 84  
GLU CD  OE2  sing N N 85  
GLU OE2 HE2  sing N N 86  
GLU OXT HXT  sing N N 87  
GLY N   CA   sing N N 88  
GLY N   H    sing N N 89  
GLY N   H2   sing N N 90  
GLY CA  C    sing N N 91  
GLY CA  HA2  sing N N 92  
GLY CA  HA3  sing N N 93  
GLY C   O    doub N N 94  
GLY C   OXT  sing N N 95  
GLY OXT HXT  sing N N 96  
HIS N   CA   sing N N 97  
HIS N   H    sing N N 98  
HIS N   H2   sing N N 99  
HIS CA  C    sing N N 100 
HIS CA  CB   sing N N 101 
HIS CA  HA   sing N N 102 
HIS C   O    doub N N 103 
HIS C   OXT  sing N N 104 
HIS CB  CG   sing N N 105 
HIS CB  HB2  sing N N 106 
HIS CB  HB3  sing N N 107 
HIS CG  ND1  sing Y N 108 
HIS CG  CD2  doub Y N 109 
HIS ND1 CE1  doub Y N 110 
HIS ND1 HD1  sing N N 111 
HIS CD2 NE2  sing Y N 112 
HIS CD2 HD2  sing N N 113 
HIS CE1 NE2  sing Y N 114 
HIS CE1 HE1  sing N N 115 
HIS NE2 HE2  sing N N 116 
HIS OXT HXT  sing N N 117 
HOH O   H1   sing N N 118 
HOH O   H2   sing N N 119 
ILE N   CA   sing N N 120 
ILE N   H    sing N N 121 
ILE N   H2   sing N N 122 
ILE CA  C    sing N N 123 
ILE CA  CB   sing N N 124 
ILE CA  HA   sing N N 125 
ILE C   O    doub N N 126 
ILE C   OXT  sing N N 127 
ILE CB  CG1  sing N N 128 
ILE CB  CG2  sing N N 129 
ILE CB  HB   sing N N 130 
ILE CG1 CD1  sing N N 131 
ILE CG1 HG12 sing N N 132 
ILE CG1 HG13 sing N N 133 
ILE CG2 HG21 sing N N 134 
ILE CG2 HG22 sing N N 135 
ILE CG2 HG23 sing N N 136 
ILE CD1 HD11 sing N N 137 
ILE CD1 HD12 sing N N 138 
ILE CD1 HD13 sing N N 139 
ILE OXT HXT  sing N N 140 
LEU N   CA   sing N N 141 
LEU N   H    sing N N 142 
LEU N   H2   sing N N 143 
LEU CA  C    sing N N 144 
LEU CA  CB   sing N N 145 
LEU CA  HA   sing N N 146 
LEU C   O    doub N N 147 
LEU C   OXT  sing N N 148 
LEU CB  CG   sing N N 149 
LEU CB  HB2  sing N N 150 
LEU CB  HB3  sing N N 151 
LEU CG  CD1  sing N N 152 
LEU CG  CD2  sing N N 153 
LEU CG  HG   sing N N 154 
LEU CD1 HD11 sing N N 155 
LEU CD1 HD12 sing N N 156 
LEU CD1 HD13 sing N N 157 
LEU CD2 HD21 sing N N 158 
LEU CD2 HD22 sing N N 159 
LEU CD2 HD23 sing N N 160 
LEU OXT HXT  sing N N 161 
LYS N   CA   sing N N 162 
LYS N   H    sing N N 163 
LYS N   H2   sing N N 164 
LYS CA  C    sing N N 165 
LYS CA  CB   sing N N 166 
LYS CA  HA   sing N N 167 
LYS C   O    doub N N 168 
LYS C   OXT  sing N N 169 
LYS CB  CG   sing N N 170 
LYS CB  HB2  sing N N 171 
LYS CB  HB3  sing N N 172 
LYS CG  CD   sing N N 173 
LYS CG  HG2  sing N N 174 
LYS CG  HG3  sing N N 175 
LYS CD  CE   sing N N 176 
LYS CD  HD2  sing N N 177 
LYS CD  HD3  sing N N 178 
LYS CE  NZ   sing N N 179 
LYS CE  HE2  sing N N 180 
LYS CE  HE3  sing N N 181 
LYS NZ  HZ1  sing N N 182 
LYS NZ  HZ2  sing N N 183 
LYS NZ  HZ3  sing N N 184 
LYS OXT HXT  sing N N 185 
MET N   CA   sing N N 186 
MET N   H    sing N N 187 
MET N   H2   sing N N 188 
MET CA  C    sing N N 189 
MET CA  CB   sing N N 190 
MET CA  HA   sing N N 191 
MET C   O    doub N N 192 
MET C   OXT  sing N N 193 
MET CB  CG   sing N N 194 
MET CB  HB2  sing N N 195 
MET CB  HB3  sing N N 196 
MET CG  SD   sing N N 197 
MET CG  HG2  sing N N 198 
MET CG  HG3  sing N N 199 
MET SD  CE   sing N N 200 
MET CE  HE1  sing N N 201 
MET CE  HE2  sing N N 202 
MET CE  HE3  sing N N 203 
MET OXT HXT  sing N N 204 
PHE N   CA   sing N N 205 
PHE N   H    sing N N 206 
PHE N   H2   sing N N 207 
PHE CA  C    sing N N 208 
PHE CA  CB   sing N N 209 
PHE CA  HA   sing N N 210 
PHE C   O    doub N N 211 
PHE C   OXT  sing N N 212 
PHE CB  CG   sing N N 213 
PHE CB  HB2  sing N N 214 
PHE CB  HB3  sing N N 215 
PHE CG  CD1  doub Y N 216 
PHE CG  CD2  sing Y N 217 
PHE CD1 CE1  sing Y N 218 
PHE CD1 HD1  sing N N 219 
PHE CD2 CE2  doub Y N 220 
PHE CD2 HD2  sing N N 221 
PHE CE1 CZ   doub Y N 222 
PHE CE1 HE1  sing N N 223 
PHE CE2 CZ   sing Y N 224 
PHE CE2 HE2  sing N N 225 
PHE CZ  HZ   sing N N 226 
PHE OXT HXT  sing N N 227 
PRO N   CA   sing N N 228 
PRO N   CD   sing N N 229 
PRO N   H    sing N N 230 
PRO CA  C    sing N N 231 
PRO CA  CB   sing N N 232 
PRO CA  HA   sing N N 233 
PRO C   O    doub N N 234 
PRO C   OXT  sing N N 235 
PRO CB  CG   sing N N 236 
PRO CB  HB2  sing N N 237 
PRO CB  HB3  sing N N 238 
PRO CG  CD   sing N N 239 
PRO CG  HG2  sing N N 240 
PRO CG  HG3  sing N N 241 
PRO CD  HD2  sing N N 242 
PRO CD  HD3  sing N N 243 
PRO OXT HXT  sing N N 244 
SER N   CA   sing N N 245 
SER N   H    sing N N 246 
SER N   H2   sing N N 247 
SER CA  C    sing N N 248 
SER CA  CB   sing N N 249 
SER CA  HA   sing N N 250 
SER C   O    doub N N 251 
SER C   OXT  sing N N 252 
SER CB  OG   sing N N 253 
SER CB  HB2  sing N N 254 
SER CB  HB3  sing N N 255 
SER OG  HG   sing N N 256 
SER OXT HXT  sing N N 257 
THR N   CA   sing N N 258 
THR N   H    sing N N 259 
THR N   H2   sing N N 260 
THR CA  C    sing N N 261 
THR CA  CB   sing N N 262 
THR CA  HA   sing N N 263 
THR C   O    doub N N 264 
THR C   OXT  sing N N 265 
THR CB  OG1  sing N N 266 
THR CB  CG2  sing N N 267 
THR CB  HB   sing N N 268 
THR OG1 HG1  sing N N 269 
THR CG2 HG21 sing N N 270 
THR CG2 HG22 sing N N 271 
THR CG2 HG23 sing N N 272 
THR OXT HXT  sing N N 273 
VAL N   CA   sing N N 274 
VAL N   H    sing N N 275 
VAL N   H2   sing N N 276 
VAL CA  C    sing N N 277 
VAL CA  CB   sing N N 278 
VAL CA  HA   sing N N 279 
VAL C   O    doub N N 280 
VAL C   OXT  sing N N 281 
VAL CB  CG1  sing N N 282 
VAL CB  CG2  sing N N 283 
VAL CB  HB   sing N N 284 
VAL CG1 HG11 sing N N 285 
VAL CG1 HG12 sing N N 286 
VAL CG1 HG13 sing N N 287 
VAL CG2 HG21 sing N N 288 
VAL CG2 HG22 sing N N 289 
VAL CG2 HG23 sing N N 290 
VAL OXT HXT  sing N N 291 
# 
_pdbx_initial_refinement_model.accession_code   ? 
_pdbx_initial_refinement_model.id               1 
_pdbx_initial_refinement_model.entity_id_list   ? 
_pdbx_initial_refinement_model.type             'experimental model' 
_pdbx_initial_refinement_model.source_name      Other 
_pdbx_initial_refinement_model.details          'PARTIALLY REFINED ORTHORHOMBIC HMFA' 
# 
_atom_sites.entry_id                    1HTA 
_atom_sites.fract_transf_matrix[1][1]   0.02194095 
_atom_sites.fract_transf_matrix[1][2]   -0.00781040 
_atom_sites.fract_transf_matrix[1][3]   -0.00571670 
_atom_sites.fract_transf_matrix[2][1]   -0.00235954 
_atom_sites.fract_transf_matrix[2][2]   0.00942044 
_atom_sites.fract_transf_matrix[2][3]   -0.02192661 
_atom_sites.fract_transf_matrix[3][1]   0.00477472 
_atom_sites.fract_transf_matrix[3][2]   0.01049035 
_atom_sites.fract_transf_matrix[3][3]   0.00399321 
_atom_sites.fract_transf_vector[1]      0.016212 
_atom_sites.fract_transf_vector[2]      0.427956 
_atom_sites.fract_transf_vector[3]      0.155298 
# 
loop_
_atom_type.symbol 
C  
CL 
N  
O  
S  
# 
loop_
_atom_site.group_PDB 
_atom_site.id 
_atom_site.type_symbol 
_atom_site.label_atom_id 
_atom_site.label_alt_id 
_atom_site.label_comp_id 
_atom_site.label_asym_id 
_atom_site.label_entity_id 
_atom_site.label_seq_id 
_atom_site.pdbx_PDB_ins_code 
_atom_site.Cartn_x 
_atom_site.Cartn_y 
_atom_site.Cartn_z 
_atom_site.occupancy 
_atom_site.B_iso_or_equiv 
_atom_site.pdbx_formal_charge 
_atom_site.auth_seq_id 
_atom_site.auth_comp_id 
_atom_site.auth_asym_id 
_atom_site.auth_atom_id 
_atom_site.pdbx_PDB_model_num 
ATOM   1   N  N   . MET A 1 1  ? -5.083  3.108   8.572   0.50 15.68 ? 0   MET A N   1 
ATOM   2   C  CA  . MET A 1 1  ? -5.757  3.886   7.496   0.50 17.31 ? 0   MET A CA  1 
ATOM   3   C  C   . MET A 1 1  ? -5.423  5.366   7.636   0.50 16.64 ? 0   MET A C   1 
ATOM   4   O  O   . MET A 1 1  ? -4.959  5.806   8.691   0.50 14.90 ? 0   MET A O   1 
ATOM   5   C  CB  . MET A 1 1  ? -7.274  3.693   7.513   0.50 20.02 ? 0   MET A CB  1 
ATOM   6   C  CG  . MET A 1 1  ? -7.649  2.210   7.279   0.50 18.90 ? 0   MET A CG  1 
ATOM   7   S  SD  . MET A 1 1  ? -7.197  1.655   5.609   0.50 23.75 ? 0   MET A SD  1 
ATOM   8   C  CE  . MET A 1 1  ? -8.028  2.853   4.607   0.50 24.01 ? 0   MET A CE  1 
ATOM   9   N  N   . GLY A 1 2  ? -5.474  6.112   6.533   1.00 19.62 ? 1   GLY A N   1 
ATOM   10  C  CA  . GLY A 1 2  ? -5.206  7.526   6.463   1.00 19.17 ? 1   GLY A CA  1 
ATOM   11  C  C   . GLY A 1 2  ? -3.784  7.942   6.538   1.00 21.47 ? 1   GLY A C   1 
ATOM   12  O  O   . GLY A 1 2  ? -3.346  9.103   6.790   1.00 24.93 ? 1   GLY A O   1 
ATOM   13  N  N   . GLU A 1 3  ? -2.861  6.975   6.235   1.00 17.85 ? 2   GLU A N   1 
ATOM   14  C  CA  . GLU A 1 3  ? -1.460  7.266   6.245   1.00 18.37 ? 2   GLU A CA  1 
ATOM   15  C  C   . GLU A 1 3  ? -0.904  7.989   5.044   1.00 18.67 ? 2   GLU A C   1 
ATOM   16  O  O   . GLU A 1 3  ? 0.125   8.679   5.192   1.00 21.41 ? 2   GLU A O   1 
ATOM   17  C  CB  . GLU A 1 3  ? -0.617  5.925   6.304   1.00 20.62 ? 2   GLU A CB  1 
ATOM   18  C  CG  . GLU A 1 3  ? -0.885  5.189   7.626   1.00 21.20 ? 2   GLU A CG  1 
ATOM   19  C  CD  . GLU A 1 3  ? -2.050  4.233   7.496   1.00 22.49 ? 2   GLU A CD  1 
ATOM   20  O  OE1 . GLU A 1 3  ? -2.694  4.051   6.416   1.00 21.22 ? 2   GLU A OE1 1 
ATOM   21  O  OE2 . GLU A 1 3  ? -2.343  3.629   8.551   1.00 25.93 ? 2   GLU A OE2 1 
ATOM   22  N  N   . LEU A 1 4  ? -1.516  7.733   3.831   1.00 18.64 ? 3   LEU A N   1 
ATOM   23  C  CA  . LEU A 1 4  ? -0.880  8.326   2.662   1.00 19.70 ? 3   LEU A CA  1 
ATOM   24  C  C   . LEU A 1 4  ? -1.332  9.741   2.415   1.00 20.12 ? 3   LEU A C   1 
ATOM   25  O  O   . LEU A 1 4  ? -2.527  10.014  2.425   1.00 23.08 ? 3   LEU A O   1 
ATOM   26  C  CB  . LEU A 1 4  ? -1.272  7.475   1.414   1.00 21.03 ? 3   LEU A CB  1 
ATOM   27  C  CG  . LEU A 1 4  ? -0.826  6.011   1.419   1.00 20.67 ? 3   LEU A CG  1 
ATOM   28  C  CD1 . LEU A 1 4  ? -1.331  5.220   0.206   1.00 21.37 ? 3   LEU A CD1 1 
ATOM   29  C  CD2 . LEU A 1 4  ? 0.690   5.911   1.570   1.00 22.46 ? 3   LEU A CD2 1 
ATOM   30  N  N   . PRO A 1 5  ? -0.397  10.593  2.105   1.00 20.46 ? 4   PRO A N   1 
ATOM   31  C  CA  . PRO A 1 5  ? -0.745  11.950  1.721   1.00 19.80 ? 4   PRO A CA  1 
ATOM   32  C  C   . PRO A 1 5  ? -1.387  11.968  0.366   1.00 19.94 ? 4   PRO A C   1 
ATOM   33  O  O   . PRO A 1 5  ? -1.088  11.139  -0.544  1.00 19.87 ? 4   PRO A O   1 
ATOM   34  C  CB  . PRO A 1 5  ? 0.587   12.680  1.699   1.00 20.47 ? 4   PRO A CB  1 
ATOM   35  C  CG  . PRO A 1 5  ? 1.577   11.641  1.408   1.00 24.93 ? 4   PRO A CG  1 
ATOM   36  C  CD  . PRO A 1 5  ? 1.083   10.376  2.082   1.00 23.10 ? 4   PRO A CD  1 
ATOM   37  N  N   . ILE A 1 6  ? -2.302  12.882  0.104   1.00 19.39 ? 5   ILE A N   1 
ATOM   38  C  CA  . ILE A 1 6  ? -3.096  12.909  -1.091  1.00 19.28 ? 5   ILE A CA  1 
ATOM   39  C  C   . ILE A 1 6  ? -2.357  13.434  -2.298  1.00 18.58 ? 5   ILE A C   1 
ATOM   40  O  O   . ILE A 1 6  ? -2.572  13.019  -3.471  1.00 19.91 ? 5   ILE A O   1 
ATOM   41  C  CB  . ILE A 1 6  ? -4.471  13.549  -0.781  1.00 24.16 ? 5   ILE A CB  1 
ATOM   42  C  CG1 A ILE A 1 6  ? -5.335  12.738  0.173   0.50 21.30 ? 5   ILE A CG1 1 
ATOM   43  C  CG1 B ILE A 1 6  ? -4.629  14.984  -1.223  0.50 23.84 ? 5   ILE A CG1 1 
ATOM   44  C  CG2 A ILE A 1 6  ? -5.229  13.843  -2.052  0.50 20.96 ? 5   ILE A CG2 1 
ATOM   45  C  CG2 B ILE A 1 6  ? -4.897  13.327  0.673   0.50 23.28 ? 5   ILE A CG2 1 
ATOM   46  C  CD1 A ILE A 1 6  ? -5.467  11.271  -0.092  0.50 21.33 ? 5   ILE A CD1 1 
ATOM   47  C  CD1 B ILE A 1 6  ? -6.071  15.197  -1.666  0.50 23.72 ? 5   ILE A CD1 1 
ATOM   48  N  N   . ALA A 1 7  ? -1.434  14.390  -2.186  1.00 19.82 ? 6   ALA A N   1 
ATOM   49  C  CA  . ALA A 1 7  ? -0.775  14.942  -3.365  1.00 18.32 ? 6   ALA A CA  1 
ATOM   50  C  C   . ALA A 1 7  ? 0.009   13.934  -4.169  1.00 18.30 ? 6   ALA A C   1 
ATOM   51  O  O   . ALA A 1 7  ? -0.117  13.887  -5.418  1.00 19.99 ? 6   ALA A O   1 
ATOM   52  C  CB  . ALA A 1 7  ? 0.127   16.089  -2.880  1.00 22.21 ? 6   ALA A CB  1 
ATOM   53  N  N   . PRO A 1 8  ? 0.806   13.038  -3.633  1.00 19.91 ? 7   PRO A N   1 
ATOM   54  C  CA  . PRO A 1 8  ? 1.490   12.000  -4.361  1.00 18.16 ? 7   PRO A CA  1 
ATOM   55  C  C   . PRO A 1 8  ? 0.493   11.088  -5.076  1.00 17.73 ? 7   PRO A C   1 
ATOM   56  O  O   . PRO A 1 8  ? 0.873   10.529  -6.082  1.00 18.72 ? 7   PRO A O   1 
ATOM   57  C  CB  . PRO A 1 8  ? 2.316   11.228  -3.329  1.00 19.63 ? 7   PRO A CB  1 
ATOM   58  C  CG  . PRO A 1 8  ? 2.442   12.186  -2.180  1.00 23.86 ? 7   PRO A CG  1 
ATOM   59  C  CD  . PRO A 1 8  ? 1.208   13.066  -2.170  1.00 19.76 ? 7   PRO A CD  1 
ATOM   60  N  N   . ILE A 1 9  ? -0.680  10.803  -4.441  1.00 17.20 ? 8   ILE A N   1 
ATOM   61  C  CA  . ILE A 1 9  ? -1.625  9.960   -5.230  1.00 16.47 ? 8   ILE A CA  1 
ATOM   62  C  C   . ILE A 1 9  ? -2.064  10.597  -6.496  1.00 18.89 ? 8   ILE A C   1 
ATOM   63  O  O   . ILE A 1 9  ? -2.236  9.936   -7.573  1.00 20.33 ? 8   ILE A O   1 
ATOM   64  C  CB  . ILE A 1 9  ? -2.858  9.708   -4.325  1.00 18.35 ? 8   ILE A CB  1 
ATOM   65  C  CG1 . ILE A 1 9  ? -2.455  9.160   -2.979  1.00 22.05 ? 8   ILE A CG1 1 
ATOM   66  C  CG2 . ILE A 1 9  ? -3.897  8.797   -5.035  1.00 21.46 ? 8   ILE A CG2 1 
ATOM   67  C  CD1 . ILE A 1 9  ? -1.595  7.931   -3.032  1.00 26.36 ? 8   ILE A CD1 1 
ATOM   68  N  N   . GLY A 1 10 ? -2.292  11.924  -6.574  1.00 17.62 ? 9   GLY A N   1 
ATOM   69  C  CA  . GLY A 1 10 ? -2.653  12.516  -7.851  1.00 18.66 ? 9   GLY A CA  1 
ATOM   70  C  C   . GLY A 1 10 ? -1.533  12.386  -8.873  1.00 20.04 ? 9   GLY A C   1 
ATOM   71  O  O   . GLY A 1 10 ? -1.775  12.270  -10.080 1.00 20.97 ? 9   GLY A O   1 
ATOM   72  N  N   . ARG A 1 11 ? -0.248  12.400  -8.424  1.00 17.53 ? 10  ARG A N   1 
ATOM   73  C  CA  . ARG A 1 11 ? 0.858   12.186  -9.333  1.00 19.84 ? 10  ARG A CA  1 
ATOM   74  C  C   . ARG A 1 11 ? 0.858   10.768  -9.926  1.00 17.68 ? 10  ARG A C   1 
ATOM   75  O  O   . ARG A 1 11 ? 1.169   10.540  -11.099 1.00 20.01 ? 10  ARG A O   1 
ATOM   76  C  CB  . ARG A 1 11 ? 2.244   12.438  -8.686  1.00 22.32 ? 10  ARG A CB  1 
ATOM   77  C  CG  . ARG A 1 11 ? 2.489   13.961  -8.518  1.00 28.71 ? 10  ARG A CG  1 
ATOM   78  C  CD  . ARG A 1 11 ? 4.011   14.130  -8.252  1.00 34.79 ? 10  ARG A CD  1 
ATOM   79  N  NE  . ARG A 1 11 ? 4.060   14.373  -6.839  1.00 38.02 ? 10  ARG A NE  1 
ATOM   80  C  CZ  . ARG A 1 11 ? 4.366   13.955  -5.649  1.00 39.15 ? 10  ARG A CZ  1 
ATOM   81  N  NH1 . ARG A 1 11 ? 4.960   12.765  -5.488  1.00 37.07 ? 10  ARG A NH1 1 
ATOM   82  N  NH2 . ARG A 1 11 ? 4.026   14.822  -4.676  1.00 36.07 ? 10  ARG A NH2 1 
ATOM   83  N  N   . ILE A 1 12 ? 0.423   9.749   -9.113  1.00 17.94 ? 11  ILE A N   1 
ATOM   84  C  CA  . ILE A 1 12 ? 0.236   8.383   -9.678  1.00 16.22 ? 11  ILE A CA  1 
ATOM   85  C  C   . ILE A 1 12 ? -0.778  8.464   -10.837 1.00 16.70 ? 11  ILE A C   1 
ATOM   86  O  O   . ILE A 1 12 ? -0.554  7.832   -11.880 1.00 17.97 ? 11  ILE A O   1 
ATOM   87  C  CB  . ILE A 1 12 ? -0.200  7.406   -8.585  1.00 17.96 ? 11  ILE A CB  1 
ATOM   88  C  CG1 . ILE A 1 12 ? 0.948   7.195   -7.574  1.00 18.41 ? 11  ILE A CG1 1 
ATOM   89  C  CG2 . ILE A 1 12 ? -0.609  6.023   -9.216  1.00 17.53 ? 11  ILE A CG2 1 
ATOM   90  C  CD1 . ILE A 1 12 ? 0.546   6.268   -6.383  1.00 21.96 ? 11  ILE A CD1 1 
ATOM   91  N  N   . ILE A 1 13 ? -1.909  9.140   -10.653 1.00 16.10 ? 12  ILE A N   1 
ATOM   92  C  CA  . ILE A 1 13 ? -2.908  9.121   -11.715 1.00 16.17 ? 12  ILE A CA  1 
ATOM   93  C  C   . ILE A 1 13 ? -2.477  9.957   -12.925 1.00 17.68 ? 12  ILE A C   1 
ATOM   94  O  O   . ILE A 1 13 ? -2.714  9.455   -14.032 1.00 19.43 ? 12  ILE A O   1 
ATOM   95  C  CB  . ILE A 1 13 ? -4.203  9.651   -11.092 1.00 15.78 ? 12  ILE A CB  1 
ATOM   96  C  CG1 . ILE A 1 13 ? -4.701  8.763   -9.927  1.00 15.87 ? 12  ILE A CG1 1 
ATOM   97  C  CG2 . ILE A 1 13 ? -5.354  9.732   -12.082 1.00 16.19 ? 12  ILE A CG2 1 
ATOM   98  C  CD1 . ILE A 1 13 ? -5.773  9.380   -9.065  1.00 16.02 ? 12  ILE A CD1 1 
ATOM   99  N  N   . LYS A 1 14 ? -1.886  11.108  -12.673 1.00 18.39 ? 13  LYS A N   1 
ATOM   100 C  CA  . LYS A 1 14 ? -1.317  11.832  -13.845 1.00 22.87 ? 13  LYS A CA  1 
ATOM   101 C  C   . LYS A 1 14 ? -0.238  11.065  -14.589 1.00 23.69 ? 13  LYS A C   1 
ATOM   102 O  O   . LYS A 1 14 ? -0.288  11.085  -15.825 1.00 25.48 ? 13  LYS A O   1 
ATOM   103 C  CB  . LYS A 1 14 ? -0.676  13.136  -13.293 1.00 23.08 ? 13  LYS A CB  1 
ATOM   104 C  CG  . LYS A 1 14 ? -1.820  14.156  -13.140 1.00 29.41 ? 13  LYS A CG  1 
ATOM   105 N  N   . ASN A 1 15 ? 0.629   10.345  -13.871 1.00 21.49 ? 14  ASN A N   1 
ATOM   106 C  CA  . ASN A 1 15 ? 1.742   9.608   -14.494 1.00 22.00 ? 14  ASN A CA  1 
ATOM   107 C  C   . ASN A 1 15 ? 1.235   8.407   -15.279 1.00 25.12 ? 14  ASN A C   1 
ATOM   108 O  O   . ASN A 1 15 ? 1.941   7.828   -16.124 1.00 28.17 ? 14  ASN A O   1 
ATOM   109 C  CB  . ASN A 1 15 ? 2.825   9.151   -13.517 1.00 24.21 ? 14  ASN A CB  1 
ATOM   110 C  CG  . ASN A 1 15 ? 3.654   10.316  -13.036 1.00 25.18 ? 14  ASN A CG  1 
ATOM   111 O  OD1 . ASN A 1 15 ? 3.536   11.406  -13.617 1.00 30.71 ? 14  ASN A OD1 1 
ATOM   112 N  ND2 . ASN A 1 15 ? 4.374   10.162  -11.929 1.00 27.59 ? 14  ASN A ND2 1 
ATOM   113 N  N   . ALA A 1 16 ? 0.025   7.940   -14.960 1.00 20.85 ? 15  ALA A N   1 
ATOM   114 C  CA  . ALA A 1 16 ? -0.631  6.846   -15.638 1.00 24.49 ? 15  ALA A CA  1 
ATOM   115 C  C   . ALA A 1 16 ? -1.337  7.339   -16.896 1.00 25.02 ? 15  ALA A C   1 
ATOM   116 O  O   . ALA A 1 16 ? -1.945  6.501   -17.605 1.00 27.74 ? 15  ALA A O   1 
ATOM   117 C  CB  . ALA A 1 16 ? -1.650  6.202   -14.685 1.00 24.31 ? 15  ALA A CB  1 
ATOM   118 N  N   . GLY A 1 17 ? -1.412  8.625   -17.110 1.00 26.17 ? 16  GLY A N   1 
ATOM   119 C  CA  . GLY A 1 17 ? -1.931  9.202   -18.351 1.00 26.78 ? 16  GLY A CA  1 
ATOM   120 C  C   . GLY A 1 17 ? -3.109  10.096  -18.266 1.00 27.96 ? 16  GLY A C   1 
ATOM   121 O  O   . GLY A 1 17 ? -3.653  10.539  -19.307 1.00 29.27 ? 16  GLY A O   1 
ATOM   122 N  N   . ALA A 1 18 ? -3.605  10.468  -17.074 1.00 24.20 ? 17  ALA A N   1 
ATOM   123 C  CA  . ALA A 1 18 ? -4.714  11.350  -16.951 1.00 23.59 ? 17  ALA A CA  1 
ATOM   124 C  C   . ALA A 1 18 ? -4.367  12.792  -17.293 1.00 25.67 ? 17  ALA A C   1 
ATOM   125 O  O   . ALA A 1 18 ? -3.384  13.323  -16.736 1.00 28.14 ? 17  ALA A O   1 
ATOM   126 C  CB  . ALA A 1 18 ? -5.204  11.423  -15.472 1.00 22.58 ? 17  ALA A CB  1 
ATOM   127 N  N   . GLU A 1 19 ? -5.272  13.450  -18.022 1.00 26.70 ? 18  GLU A N   1 
ATOM   128 C  CA  . GLU A 1 19 ? -5.064  14.862  -18.301 1.00 30.55 ? 18  GLU A CA  1 
ATOM   129 C  C   . GLU A 1 19 ? -5.339  15.721  -17.085 1.00 27.87 ? 18  GLU A C   1 
ATOM   130 O  O   . GLU A 1 19 ? -4.583  16.633  -16.761 1.00 31.52 ? 18  GLU A O   1 
ATOM   131 C  CB  . GLU A 1 19 ? -5.941  15.389  -19.442 1.00 34.09 ? 18  GLU A CB  1 
ATOM   132 C  CG  . GLU A 1 19 ? -5.739  16.909  -19.606 1.00 41.76 ? 18  GLU A CG  1 
ATOM   133 C  CD  . GLU A 1 19 ? -5.643  17.294  -21.073 1.00 45.48 ? 18  GLU A CD  1 
ATOM   134 O  OE1 . GLU A 1 19 ? -6.482  16.769  -21.839 1.00 46.99 ? 18  GLU A OE1 1 
ATOM   135 O  OE2 . GLU A 1 19 ? -4.754  18.099  -21.442 1.00 48.35 ? 18  GLU A OE2 1 
ATOM   136 N  N   . ARG A 1 20 ? -6.474  15.476  -16.411 1.00 25.18 ? 19  ARG A N   1 
ATOM   137 C  CA  . ARG A 1 20 ? -6.908  16.207  -15.257 1.00 24.42 ? 19  ARG A CA  1 
ATOM   138 C  C   . ARG A 1 20 ? -7.441  15.205  -14.234 1.00 21.79 ? 19  ARG A C   1 
ATOM   139 O  O   . ARG A 1 20 ? -7.977  14.138  -14.627 1.00 19.49 ? 19  ARG A O   1 
ATOM   140 C  CB  . ARG A 1 20 ? -8.103  17.165  -15.501 1.00 26.34 ? 19  ARG A CB  1 
ATOM   141 C  CG  . ARG A 1 20 ? -7.849  18.276  -16.506 1.00 30.46 ? 19  ARG A CG  1 
ATOM   142 C  CD  . ARG A 1 20 ? -9.214  18.988  -16.562 1.00 26.61 ? 19  ARG A CD  1 
ATOM   143 N  NE  . ARG A 1 20 ? -9.299  19.988  -15.537 1.00 27.62 ? 19  ARG A NE  1 
ATOM   144 C  CZ  . ARG A 1 20 ? -10.358 20.191  -14.758 1.00 28.04 ? 19  ARG A CZ  1 
ATOM   145 N  NH1 . ARG A 1 20 ? -11.452 19.439  -14.689 1.00 29.89 ? 19  ARG A NH1 1 
ATOM   146 N  NH2 . ARG A 1 20 ? -10.212 21.242  -13.973 1.00 28.16 ? 19  ARG A NH2 1 
ATOM   147 N  N   . VAL A 1 21 ? -7.347  15.493  -12.947 1.00 21.04 ? 20  VAL A N   1 
ATOM   148 C  CA  . VAL A 1 21 ? -7.743  14.586  -11.865 1.00 22.06 ? 20  VAL A CA  1 
ATOM   149 C  C   . VAL A 1 21 ? -8.578  15.305  -10.826 1.00 19.83 ? 20  VAL A C   1 
ATOM   150 O  O   . VAL A 1 21 ? -8.037  16.423  -10.408 1.00 22.58 ? 20  VAL A O   1 
ATOM   151 C  CB  . VAL A 1 21 ? -6.457  13.980  -11.259 1.00 22.18 ? 20  VAL A CB  1 
ATOM   152 C  CG1 . VAL A 1 21 ? -6.873  12.989  -10.154 1.00 24.04 ? 20  VAL A CG1 1 
ATOM   153 C  CG2 . VAL A 1 21 ? -5.589  13.281  -12.290 1.00 24.23 ? 20  VAL A CG2 1 
ATOM   154 N  N   . SER A 1 22 ? -9.683  14.803  -10.384 1.00 18.65 ? 21  SER A N   1 
ATOM   155 C  CA  . SER A 1 22 ? -10.468 15.442  -9.341  1.00 19.86 ? 21  SER A CA  1 
ATOM   156 C  C   . SER A 1 22 ? -9.824  15.131  -7.971  1.00 21.04 ? 21  SER A C   1 
ATOM   157 O  O   . SER A 1 22 ? -9.231  14.058  -7.757  1.00 21.68 ? 21  SER A O   1 
ATOM   158 C  CB  . SER A 1 22 ? -11.896 14.991  -9.306  1.00 21.69 ? 21  SER A CB  1 
ATOM   159 O  OG  . SER A 1 22 ? -12.152 13.637  -8.908  1.00 23.85 ? 21  SER A OG  1 
ATOM   160 N  N   . ASP A 1 23 ? -9.963  16.085  -7.031  1.00 21.63 ? 22  ASP A N   1 
ATOM   161 C  CA  . ASP A 1 23 ? -9.500  15.669  -5.674  1.00 20.00 ? 22  ASP A CA  1 
ATOM   162 C  C   . ASP A 1 23 ? -10.315 14.549  -5.166  1.00 19.50 ? 22  ASP A C   1 
ATOM   163 O  O   . ASP A 1 23 ? -9.794  13.590  -4.414  1.00 19.76 ? 22  ASP A O   1 
ATOM   164 C  CB  . ASP A 1 23 ? -9.719  16.973  -4.798  1.00 26.03 ? 22  ASP A CB  1 
ATOM   165 C  CG  . ASP A 1 23 ? -8.525  17.843  -4.996  1.00 27.45 ? 22  ASP A CG  1 
ATOM   166 O  OD1 . ASP A 1 23 ? -7.406  17.562  -5.516  1.00 29.15 ? 22  ASP A OD1 1 
ATOM   167 O  OD2 . ASP A 1 23 ? -8.590  19.041  -4.537  1.00 32.24 ? 22  ASP A OD2 1 
ATOM   168 N  N   . ASP A 1 24 ? -11.549 14.170  -5.483  1.00 21.00 ? 23  ASP A N   1 
ATOM   169 C  CA  . ASP A 1 24 ? -12.314 13.039  -5.082  1.00 17.62 ? 23  ASP A CA  1 
ATOM   170 C  C   . ASP A 1 24 ? -11.696 11.672  -5.655  1.00 18.36 ? 23  ASP A C   1 
ATOM   171 O  O   . ASP A 1 24 ? -11.710 10.700  -4.903  1.00 19.73 ? 23  ASP A O   1 
ATOM   172 C  CB  . ASP A 1 24 ? -13.723 13.159  -5.650  1.00 25.39 ? 23  ASP A CB  1 
ATOM   173 N  N   . ALA A 1 25 ? -11.049 11.798  -6.793  1.00 18.38 ? 24  ALA A N   1 
ATOM   174 C  CA  . ALA A 1 25 ? -10.408 10.524  -7.308  1.00 14.28 ? 24  ALA A CA  1 
ATOM   175 C  C   . ALA A 1 25 ? -9.127  10.387  -6.482  1.00 16.15 ? 24  ALA A C   1 
ATOM   176 O  O   . ALA A 1 25 ? -8.795  9.150   -6.330  1.00 15.59 ? 24  ALA A O   1 
ATOM   177 C  CB  . ALA A 1 25 ? -10.082 10.741  -8.753  1.00 14.97 ? 24  ALA A CB  1 
ATOM   178 N  N   . ARG A 1 26 ? -8.407  11.423  -6.082  1.00 16.16 ? 25  ARG A N   1 
ATOM   179 C  CA  . ARG A 1 26 ? -7.156  11.197  -5.295  1.00 15.22 ? 25  ARG A CA  1 
ATOM   180 C  C   . ARG A 1 26 ? -7.552  10.551  -3.999  1.00 17.45 ? 25  ARG A C   1 
ATOM   181 O  O   . ARG A 1 26 ? -6.864  9.586   -3.515  1.00 16.66 ? 25  ARG A O   1 
ATOM   182 C  CB  . ARG A 1 26 ? -6.488  12.560  -5.023  1.00 15.94 ? 25  ARG A CB  1 
ATOM   183 C  CG  . ARG A 1 26 ? -5.977  13.297  -6.245  1.00 17.99 ? 25  ARG A CG  1 
ATOM   184 C  CD  . ARG A 1 26 ? -5.281  14.641  -5.855  1.00 21.23 ? 25  ARG A CD  1 
ATOM   185 N  NE  . ARG A 1 26 ? -4.683  15.312  -7.005  1.00 27.96 ? 25  ARG A NE  1 
ATOM   186 C  CZ  . ARG A 1 26 ? -5.308  16.076  -7.935  1.00 30.34 ? 25  ARG A CZ  1 
ATOM   187 N  NH1 . ARG A 1 26 ? -6.582  16.394  -7.761  1.00 31.16 ? 25  ARG A NH1 1 
ATOM   188 N  NH2 . ARG A 1 26 ? -4.606  16.538  -8.972  1.00 32.97 ? 25  ARG A NH2 1 
ATOM   189 N  N   . ILE A 1 27 ? -8.619  10.972  -3.302  1.00 15.36 ? 26  ILE A N   1 
ATOM   190 C  CA  . ILE A 1 27 ? -9.011  10.373  -2.047  1.00 16.71 ? 26  ILE A CA  1 
ATOM   191 C  C   . ILE A 1 27 ? -9.415  8.930   -2.263  1.00 17.70 ? 26  ILE A C   1 
ATOM   192 O  O   . ILE A 1 27 ? -9.090  7.993   -1.542  1.00 18.73 ? 26  ILE A O   1 
ATOM   193 C  CB  . ILE A 1 27 ? -10.130 11.252  -1.396  1.00 19.44 ? 26  ILE A CB  1 
ATOM   194 C  CG1 . ILE A 1 27 ? -9.490  12.522  -0.931  1.00 23.75 ? 26  ILE A CG1 1 
ATOM   195 C  CG2 . ILE A 1 27 ? -10.817 10.469  -0.286  1.00 23.02 ? 26  ILE A CG2 1 
ATOM   196 C  CD1 . ILE A 1 27 ? -10.483 13.663  -0.756  1.00 30.98 ? 26  ILE A CD1 1 
ATOM   197 N  N   . ALA A 1 28 ? -10.183 8.611   -3.340  1.00 16.37 ? 27  ALA A N   1 
ATOM   198 C  CA  . ALA A 1 28 ? -10.551 7.245   -3.607  1.00 15.86 ? 27  ALA A CA  1 
ATOM   199 C  C   . ALA A 1 28 ? -9.359  6.285   -3.841  1.00 15.75 ? 27  ALA A C   1 
ATOM   200 O  O   . ALA A 1 28 ? -9.442  5.151   -3.318  1.00 18.10 ? 27  ALA A O   1 
ATOM   201 C  CB  . ALA A 1 28 ? -11.489 7.166   -4.817  1.00 18.03 ? 27  ALA A CB  1 
ATOM   202 N  N   . LEU A 1 29 ? -8.387  6.741   -4.588  1.00 14.34 ? 28  LEU A N   1 
ATOM   203 C  CA  . LEU A 1 29 ? -7.271  5.782   -4.829  1.00 13.23 ? 28  LEU A CA  1 
ATOM   204 C  C   . LEU A 1 29 ? -6.457  5.680   -3.540  1.00 15.87 ? 28  LEU A C   1 
ATOM   205 O  O   . LEU A 1 29 ? -5.903  4.585   -3.290  1.00 15.18 ? 28  LEU A O   1 
ATOM   206 C  CB  . LEU A 1 29 ? -6.453  6.259   -6.022  1.00 11.62 ? 28  LEU A CB  1 
ATOM   207 C  CG  . LEU A 1 29 ? -5.262  5.332   -6.396  1.00 12.35 ? 28  LEU A CG  1 
ATOM   208 C  CD1 . LEU A 1 29 ? -5.780  3.955   -6.756  1.00 14.85 ? 28  LEU A CD1 1 
ATOM   209 C  CD2 . LEU A 1 29 ? -4.501  5.962   -7.576  1.00 15.70 ? 28  LEU A CD2 1 
ATOM   210 N  N   . ALA A 1 30 ? -6.279  6.778   -2.792  1.00 14.61 ? 29  ALA A N   1 
ATOM   211 C  CA  . ALA A 1 30 ? -5.550  6.584   -1.517  1.00 13.04 ? 29  ALA A CA  1 
ATOM   212 C  C   . ALA A 1 30 ? -6.204  5.576   -0.640  1.00 15.42 ? 29  ALA A C   1 
ATOM   213 O  O   . ALA A 1 30 ? -5.504  4.731   -0.007  1.00 15.85 ? 29  ALA A O   1 
ATOM   214 C  CB  . ALA A 1 30 ? -5.493  7.927   -0.771  1.00 14.50 ? 29  ALA A CB  1 
ATOM   215 N  N   . LYS A 1 31 ? -7.525  5.508   -0.514  1.00 15.64 ? 30  LYS A N   1 
ATOM   216 C  CA  . LYS A 1 31 ? -8.237  4.538   0.300   1.00 18.80 ? 30  LYS A CA  1 
ATOM   217 C  C   . LYS A 1 31 ? -7.941  3.137   -0.207  1.00 17.71 ? 30  LYS A C   1 
ATOM   218 O  O   . LYS A 1 31 ? -7.637  2.225   0.580   1.00 18.28 ? 30  LYS A O   1 
ATOM   219 C  CB  . LYS A 1 31 ? -9.731  4.811   0.307   1.00 22.20 ? 30  LYS A CB  1 
ATOM   220 C  CG  . LYS A 1 31 ? -10.166 6.057   1.033   1.00 32.51 ? 30  LYS A CG  1 
ATOM   221 C  CD  . LYS A 1 31 ? -11.700 6.136   1.106   1.00 36.40 ? 30  LYS A CD  1 
ATOM   222 C  CE  . LYS A 1 31 ? -12.110 7.405   1.832   1.00 39.47 ? 30  LYS A CE  1 
ATOM   223 N  NZ  . LYS A 1 31 ? -12.837 8.392   1.012   1.00 42.02 ? 30  LYS A NZ  1 
ATOM   224 N  N   . VAL A 1 32 ? -7.983  2.891   -1.521  1.00 16.36 ? 31  VAL A N   1 
ATOM   225 C  CA  . VAL A 1 32 ? -7.695  1.552   -2.074  1.00 16.23 ? 31  VAL A CA  1 
ATOM   226 C  C   . VAL A 1 32 ? -6.284  1.114   -1.720  1.00 15.45 ? 31  VAL A C   1 
ATOM   227 O  O   . VAL A 1 32 ? -6.051  -0.021  -1.290  1.00 15.93 ? 31  VAL A O   1 
ATOM   228 C  CB  . VAL A 1 32 ? -7.804  1.589   -3.612  1.00 19.09 ? 31  VAL A CB  1 
ATOM   229 C  CG1 . VAL A 1 32 ? -7.298  0.297   -4.281  1.00 21.06 ? 31  VAL A CG1 1 
ATOM   230 C  CG2 . VAL A 1 32 ? -9.306  1.810   -3.990  1.00 20.85 ? 31  VAL A CG2 1 
ATOM   231 N  N   . LEU A 1 33 ? -5.299  2.024   -1.880  1.00 13.74 ? 32  LEU A N   1 
ATOM   232 C  CA  . LEU A 1 33 ? -3.903  1.617   -1.621  1.00 13.50 ? 32  LEU A CA  1 
ATOM   233 C  C   . LEU A 1 33 ? -3.649  1.426   -0.147  1.00 15.23 ? 32  LEU A C   1 
ATOM   234 O  O   . LEU A 1 33 ? -2.829  0.570   0.219   1.00 15.09 ? 32  LEU A O   1 
ATOM   235 C  CB  . LEU A 1 33 ? -2.942  2.654   -2.222  1.00 12.83 ? 32  LEU A CB  1 
ATOM   236 C  CG  . LEU A 1 33 ? -3.027  2.747   -3.766  1.00 14.91 ? 32  LEU A CG  1 
ATOM   237 C  CD1 . LEU A 1 33 ? -1.948  3.746   -4.239  1.00 18.55 ? 32  LEU A CD1 1 
ATOM   238 C  CD2 . LEU A 1 33 ? -2.851  1.404   -4.488  1.00 16.35 ? 32  LEU A CD2 1 
ATOM   239 N  N   . GLU A 1 34 ? -4.300  2.218   0.724   1.00 14.05 ? 33  GLU A N   1 
ATOM   240 C  CA  . GLU A 1 34 ? -4.104  1.987   2.189   1.00 13.66 ? 33  GLU A CA  1 
ATOM   241 C  C   . GLU A 1 34 ? -4.751  0.679   2.547   1.00 14.40 ? 33  GLU A C   1 
ATOM   242 O  O   . GLU A 1 34 ? -4.152  -0.010  3.411   1.00 15.57 ? 33  GLU A O   1 
ATOM   243 C  CB  . GLU A 1 34 ? -4.752  3.123   2.977   1.00 14.64 ? 33  GLU A CB  1 
ATOM   244 C  CG  . GLU A 1 34 ? -3.937  4.398   2.923   1.00 17.35 ? 33  GLU A CG  1 
ATOM   245 C  CD  . GLU A 1 34 ? -4.703  5.655   3.373   1.00 19.87 ? 33  GLU A CD  1 
ATOM   246 O  OE1 . GLU A 1 34 ? -5.910  5.570   3.724   1.00 21.62 ? 33  GLU A OE1 1 
ATOM   247 O  OE2 . GLU A 1 34 ? -4.066  6.690   3.256   1.00 22.13 ? 33  GLU A OE2 1 
ATOM   248 N  N   . GLU A 1 35 ? -5.871  0.283   2.002   1.00 15.09 ? 34  GLU A N   1 
ATOM   249 C  CA  . GLU A 1 35 ? -6.455  -1.036  2.351   1.00 17.51 ? 34  GLU A CA  1 
ATOM   250 C  C   . GLU A 1 35 ? -5.566  -2.182  1.917   1.00 16.38 ? 34  GLU A C   1 
ATOM   251 O  O   . GLU A 1 35 ? -5.291  -3.164  2.647   1.00 18.22 ? 34  GLU A O   1 
ATOM   252 C  CB  . GLU A 1 35 ? -7.857  -1.128  1.714   1.00 20.59 ? 34  GLU A CB  1 
ATOM   253 C  CG  A GLU A 1 35 ? -8.842  -0.116  2.227   0.50 23.87 ? 34  GLU A CG  1 
ATOM   254 C  CG  B GLU A 1 35 ? -8.468  -2.527  1.833   0.50 25.75 ? 34  GLU A CG  1 
ATOM   255 C  CD  A GLU A 1 35 ? -10.156 -0.031  1.481   0.50 28.56 ? 34  GLU A CD  1 
ATOM   256 C  CD  B GLU A 1 35 ? -9.682  -2.726  0.944   0.50 30.53 ? 34  GLU A CD  1 
ATOM   257 O  OE1 A GLU A 1 35 ? -10.243 -0.313  0.262   0.50 30.23 ? 34  GLU A OE1 1 
ATOM   258 O  OE1 B GLU A 1 35 ? -10.135 -1.793  0.226   0.50 33.27 ? 34  GLU A OE1 1 
ATOM   259 O  OE2 A GLU A 1 35 ? -11.153 0.359   2.131   0.50 30.83 ? 34  GLU A OE2 1 
ATOM   260 O  OE2 B GLU A 1 35 ? -10.246 -3.855  0.934   0.50 34.71 ? 34  GLU A OE2 1 
ATOM   261 N  N   . MET A 1 36 ? -5.009  -2.076  0.666   1.00 15.08 ? 35  MET A N   1 
ATOM   262 C  CA  . MET A 1 36 ? -4.139  -3.158  0.148   1.00 15.83 ? 35  MET A CA  1 
ATOM   263 C  C   . MET A 1 36 ? -2.884  -3.210  0.989   1.00 16.42 ? 35  MET A C   1 
ATOM   264 O  O   . MET A 1 36 ? -2.354  -4.283  1.344   1.00 16.44 ? 35  MET A O   1 
ATOM   265 C  CB  . MET A 1 36 ? -3.755  -2.876  -1.334  1.00 20.61 ? 35  MET A CB  1 
ATOM   266 C  CG  . MET A 1 36 ? -4.946  -3.134  -2.264  1.00 30.35 ? 35  MET A CG  1 
ATOM   267 S  SD  . MET A 1 36 ? -4.522  -2.700  -3.980  1.00 42.23 ? 35  MET A SD  1 
ATOM   268 C  CE  . MET A 1 36 ? -6.117  -2.830  -4.759  1.00 40.01 ? 35  MET A CE  1 
ATOM   269 N  N   . GLY A 1 37 ? -2.317  -2.040  1.356   1.00 14.81 ? 36  GLY A N   1 
ATOM   270 C  CA  . GLY A 1 37 ? -1.109  -1.991  2.181   1.00 14.47 ? 36  GLY A CA  1 
ATOM   271 C  C   . GLY A 1 37 ? -1.395  -2.655  3.561   1.00 15.02 ? 36  GLY A C   1 
ATOM   272 O  O   . GLY A 1 37 ? -0.464  -3.322  4.027   1.00 15.45 ? 36  GLY A O   1 
ATOM   273 N  N   . GLU A 1 38 ? -2.539  -2.348  4.169   1.00 14.39 ? 37  GLU A N   1 
ATOM   274 C  CA  . GLU A 1 38 ? -2.780  -2.982  5.483   1.00 15.54 ? 37  GLU A CA  1 
ATOM   275 C  C   . GLU A 1 38 ? -2.857  -4.500  5.302   1.00 17.70 ? 37  GLU A C   1 
ATOM   276 O  O   . GLU A 1 38 ? -2.327  -5.204  6.179   1.00 17.79 ? 37  GLU A O   1 
ATOM   277 C  CB  . GLU A 1 38 ? -4.125  -2.454  6.002   1.00 19.30 ? 37  GLU A CB  1 
ATOM   278 C  CG  . GLU A 1 38 ? -4.401  -2.917  7.442   0.80 22.62 ? 37  GLU A CG  1 
ATOM   279 C  CD  . GLU A 1 38 ? -4.927  -4.318  7.548   0.80 29.41 ? 37  GLU A CD  1 
ATOM   280 O  OE1 . GLU A 1 38 ? -5.597  -4.832  6.619   0.80 31.38 ? 37  GLU A OE1 1 
ATOM   281 O  OE2 . GLU A 1 38 ? -4.661  -4.944  8.607   0.80 33.58 ? 37  GLU A OE2 1 
ATOM   282 N  N   . GLU A 1 39 ? -3.519  -4.987  4.285   1.00 15.66 ? 38  GLU A N   1 
ATOM   283 C  CA  . GLU A 1 39 ? -3.647  -6.473  4.145   1.00 18.16 ? 38  GLU A CA  1 
ATOM   284 C  C   . GLU A 1 39 ? -2.307  -7.117  3.958   1.00 17.44 ? 38  GLU A C   1 
ATOM   285 O  O   . GLU A 1 39 ? -1.981  -8.147  4.613   1.00 18.63 ? 38  GLU A O   1 
ATOM   286 C  CB  . GLU A 1 39 ? -4.585  -6.725  2.952   1.00 19.99 ? 38  GLU A CB  1 
ATOM   287 C  CG  . GLU A 1 39 ? -6.025  -6.344  3.331   1.00 31.05 ? 38  GLU A CG  1 
ATOM   288 C  CD  . GLU A 1 39 ? -6.961  -6.952  2.292   1.00 37.16 ? 38  GLU A CD  1 
ATOM   289 O  OE1 . GLU A 1 39 ? -6.686  -6.738  1.085   1.00 40.13 ? 38  GLU A OE1 1 
ATOM   290 O  OE2 . GLU A 1 39 ? -7.920  -7.638  2.692   1.00 43.84 ? 38  GLU A OE2 1 
ATOM   291 N  N   . ILE A 1 40 ? -1.454  -6.557  3.081   1.00 14.78 ? 39  ILE A N   1 
ATOM   292 C  CA  . ILE A 1 40 ? -0.118  -7.128  2.852   1.00 14.39 ? 39  ILE A CA  1 
ATOM   293 C  C   . ILE A 1 40 ? 0.703   -6.991  4.130   1.00 17.39 ? 39  ILE A C   1 
ATOM   294 O  O   . ILE A 1 40 ? 1.434   -7.965  4.486   1.00 16.32 ? 39  ILE A O   1 
ATOM   295 C  CB  . ILE A 1 40 ? 0.555   -6.402  1.649   1.00 14.66 ? 39  ILE A CB  1 
ATOM   296 C  CG1 . ILE A 1 40 ? -0.226  -6.828  0.394   1.00 18.11 ? 39  ILE A CG1 1 
ATOM   297 C  CG2 . ILE A 1 40 ? 2.047   -6.774  1.543   1.00 17.14 ? 39  ILE A CG2 1 
ATOM   298 C  CD1 . ILE A 1 40 ? 0.238   -6.074  -0.841  1.00 22.20 ? 39  ILE A CD1 1 
ATOM   299 N  N   . ALA A 1 41 ? 0.726   -5.826  4.777   1.00 14.86 ? 40  ALA A N   1 
ATOM   300 C  CA  . ALA A 1 41 ? 1.572   -5.722  5.988   1.00 15.51 ? 40  ALA A CA  1 
ATOM   301 C  C   . ALA A 1 41 ? 1.061   -6.629  7.092   1.00 16.42 ? 40  ALA A C   1 
ATOM   302 O  O   . ALA A 1 41 ? 1.974   -7.085  7.780   1.00 17.58 ? 40  ALA A O   1 
ATOM   303 C  CB  . ALA A 1 41 ? 1.507   -4.249  6.407   1.00 16.65 ? 40  ALA A CB  1 
ATOM   304 N  N   . SER A 1 42 ? -0.251  -6.867  7.203   1.00 16.39 ? 41  SER A N   1 
ATOM   305 C  CA  . SER A 1 42 ? -0.642  -7.784  8.349   1.00 16.37 ? 41  SER A CA  1 
ATOM   306 C  C   . SER A 1 42 ? -0.106  -9.125  8.030   1.00 19.35 ? 41  SER A C   1 
ATOM   307 O  O   . SER A 1 42 ? 0.298   -9.826  9.022   1.00 20.16 ? 41  SER A O   1 
ATOM   308 C  CB  . SER A 1 42 ? -2.149  -7.779  8.363   1.00 20.24 ? 41  SER A CB  1 
ATOM   309 O  OG  A SER A 1 42 ? -2.768  -6.591  8.818   0.50 20.25 ? 41  SER A OG  1 
ATOM   310 O  OG  B SER A 1 42 ? -2.628  -8.547  9.464   0.50 22.01 ? 41  SER A OG  1 
ATOM   311 N  N   . GLU A 1 43 ? -0.091  -9.639  6.805   1.00 17.15 ? 42  GLU A N   1 
ATOM   312 C  CA  . GLU A 1 43 ? 0.478   -10.950 6.534   1.00 18.85 ? 42  GLU A CA  1 
ATOM   313 C  C   . GLU A 1 43 ? 1.966   -10.940 6.801   1.00 19.17 ? 42  GLU A C   1 
ATOM   314 O  O   . GLU A 1 43 ? 2.561   -11.893 7.330   1.00 18.98 ? 42  GLU A O   1 
ATOM   315 C  CB  . GLU A 1 43 ? 0.180   -11.397 5.080   1.00 18.88 ? 42  GLU A CB  1 
ATOM   316 C  CG  A GLU A 1 43 ? 0.835   -12.733 4.776   0.50 19.36 ? 42  GLU A CG  1 
ATOM   317 C  CG  B GLU A 1 43 ? -1.320  -11.699 4.939   0.50 20.48 ? 42  GLU A CG  1 
ATOM   318 C  CD  A GLU A 1 43 ? 0.262   -13.876 5.605   0.50 22.45 ? 42  GLU A CD  1 
ATOM   319 C  CD  B GLU A 1 43 ? -1.938  -12.829 5.727   0.50 24.38 ? 42  GLU A CD  1 
ATOM   320 O  OE1 A GLU A 1 43 ? -0.966  -13.883 5.765   0.50 25.02 ? 42  GLU A OE1 1 
ATOM   321 O  OE1 B GLU A 1 43 ? -1.308  -13.492 6.572   0.50 24.75 ? 42  GLU A OE1 1 
ATOM   322 O  OE2 A GLU A 1 43 ? 1.059   -14.726 6.052   0.50 26.08 ? 42  GLU A OE2 1 
ATOM   323 O  OE2 B GLU A 1 43 ? -3.155  -13.062 5.480   0.50 25.38 ? 42  GLU A OE2 1 
ATOM   324 N  N   . ALA A 1 44 ? 2.674   -9.850  6.415   1.00 15.91 ? 43  ALA A N   1 
ATOM   325 C  CA  . ALA A 1 44 ? 4.111   -9.767  6.682   1.00 15.22 ? 43  ALA A CA  1 
ATOM   326 C  C   . ALA A 1 44 ? 4.402   -9.816  8.198   1.00 16.25 ? 43  ALA A C   1 
ATOM   327 O  O   . ALA A 1 44 ? 5.460   -10.437 8.446   1.00 17.76 ? 43  ALA A O   1 
ATOM   328 C  CB  . ALA A 1 44 ? 4.619   -8.420  6.043   1.00 15.55 ? 43  ALA A CB  1 
ATOM   329 N  N   . VAL A 1 45 ? 3.585   -9.230  9.045   1.00 16.44 ? 44  VAL A N   1 
ATOM   330 C  CA  . VAL A 1 45 ? 3.885   -9.334  10.514  1.00 18.05 ? 44  VAL A CA  1 
ATOM   331 C  C   . VAL A 1 45 ? 3.822   -10.835 10.886  1.00 21.31 ? 44  VAL A C   1 
ATOM   332 O  O   . VAL A 1 45 ? 4.694   -11.254 11.666  1.00 21.63 ? 44  VAL A O   1 
ATOM   333 C  CB  . VAL A 1 45 ? 2.861   -8.475  11.211  1.00 19.32 ? 44  VAL A CB  1 
ATOM   334 C  CG1 . VAL A 1 45 ? 2.938   -8.739  12.737  1.00 24.80 ? 44  VAL A CG1 1 
ATOM   335 C  CG2 . VAL A 1 45 ? 3.030   -6.973  10.995  1.00 21.07 ? 44  VAL A CG2 1 
ATOM   336 N  N   . LYS A 1 46 ? 2.813   -11.530 10.366  1.00 19.59 ? 45  LYS A N   1 
ATOM   337 C  CA  . LYS A 1 46 ? 2.751   -12.970 10.774  1.00 21.41 ? 45  LYS A CA  1 
ATOM   338 C  C   . LYS A 1 46 ? 3.950   -13.703 10.261  1.00 22.78 ? 45  LYS A C   1 
ATOM   339 O  O   . LYS A 1 46 ? 4.451   -14.693 10.925  1.00 24.21 ? 45  LYS A O   1 
ATOM   340 C  CB  . LYS A 1 46 ? 1.452   -13.546 10.173  1.00 22.27 ? 45  LYS A CB  1 
ATOM   341 C  CG  . LYS A 1 46 ? 0.201   -12.939 10.750  1.00 28.35 ? 45  LYS A CG  1 
ATOM   342 C  CD  . LYS A 1 46 ? -1.041  -13.464 10.023  1.00 33.24 ? 45  LYS A CD  1 
ATOM   343 C  CE  . LYS A 1 46 ? -2.204  -12.582 10.464  1.00 38.86 ? 45  LYS A CE  1 
ATOM   344 N  NZ  . LYS A 1 46 ? -3.484  -13.253 10.077  1.00 41.68 ? 45  LYS A NZ  1 
ATOM   345 N  N   . LEU A 1 47 ? 4.453   -13.489 9.055   1.00 18.08 ? 46  LEU A N   1 
ATOM   346 C  CA  . LEU A 1 47 ? 5.619   -14.157 8.520   1.00 19.27 ? 46  LEU A CA  1 
ATOM   347 C  C   . LEU A 1 47 ? 6.837   -13.842 9.386   1.00 20.55 ? 46  LEU A C   1 
ATOM   348 O  O   . LEU A 1 47 ? 7.676   -14.725 9.657   1.00 23.41 ? 46  LEU A O   1 
ATOM   349 C  CB  . LEU A 1 47 ? 5.904   -13.817 7.055   1.00 19.60 ? 46  LEU A CB  1 
ATOM   350 C  CG  . LEU A 1 47 ? 4.813   -14.227 6.090   1.00 18.87 ? 46  LEU A CG  1 
ATOM   351 C  CD1 . LEU A 1 47 ? 5.059   -13.626 4.735   1.00 21.08 ? 46  LEU A CD1 1 
ATOM   352 C  CD2 . LEU A 1 47 ? 4.823   -15.791 5.938   1.00 23.55 ? 46  LEU A CD2 1 
ATOM   353 N  N   . ALA A 1 48 ? 6.996   -12.579 9.830   1.00 18.38 ? 47  ALA A N   1 
ATOM   354 C  CA  . ALA A 1 48 ? 8.192   -12.288 10.639  1.00 19.43 ? 47  ALA A CA  1 
ATOM   355 C  C   . ALA A 1 48 ? 8.124   -13.044 11.963  1.00 21.69 ? 47  ALA A C   1 
ATOM   356 O  O   . ALA A 1 48 ? 9.200   -13.518 12.355  1.00 23.73 ? 47  ALA A O   1 
ATOM   357 C  CB  . ALA A 1 48 ? 8.180   -10.760 10.928  1.00 18.55 ? 47  ALA A CB  1 
ATOM   358 N  N   . LYS A 1 49 ? 6.982   -13.041 12.576  1.00 20.56 ? 48  LYS A N   1 
ATOM   359 C  CA  . LYS A 1 49 ? 6.856   -13.771 13.875  1.00 24.05 ? 48  LYS A CA  1 
ATOM   360 C  C   . LYS A 1 49 ? 7.074   -15.247 13.616  1.00 26.30 ? 48  LYS A C   1 
ATOM   361 O  O   . LYS A 1 49 ? 7.841   -15.836 14.438  1.00 28.32 ? 48  LYS A O   1 
ATOM   362 C  CB  . LYS A 1 49 ? 5.464   -13.509 14.416  1.00 27.45 ? 48  LYS A CB  1 
ATOM   363 C  CG  . LYS A 1 49 ? 5.147   -12.129 14.916  1.00 34.05 ? 48  LYS A CG  1 
ATOM   364 C  CD  . LYS A 1 49 ? 3.671   -11.794 15.102  1.00 36.87 ? 48  LYS A CD  1 
ATOM   365 C  CE  . LYS A 1 49 ? 3.470   -10.526 15.906  1.00 38.39 ? 48  LYS A CE  1 
ATOM   366 N  NZ  . LYS A 1 49 ? 2.050   -10.028 15.937  1.00 39.91 ? 48  LYS A NZ  1 
ATOM   367 N  N   . HIS A 1 50 ? 6.583   -15.832 12.554  1.00 27.02 ? 49  HIS A N   1 
ATOM   368 C  CA  . HIS A 1 50 ? 6.877   -17.272 12.259  1.00 26.69 ? 49  HIS A CA  1 
ATOM   369 C  C   . HIS A 1 50 ? 8.333   -17.550 12.096  1.00 27.73 ? 49  HIS A C   1 
ATOM   370 O  O   . HIS A 1 50 ? 8.860   -18.660 12.464  1.00 29.52 ? 49  HIS A O   1 
ATOM   371 C  CB  . HIS A 1 50 ? 6.045   -17.713 11.045  1.00 29.16 ? 49  HIS A CB  1 
ATOM   372 C  CG  . HIS A 1 50 ? 6.207   -19.146 10.614  1.00 30.28 ? 49  HIS A CG  1 
ATOM   373 N  ND1 . HIS A 1 50 ? 7.067   -19.516 9.611   1.00 31.07 ? 49  HIS A ND1 1 
ATOM   374 C  CD2 . HIS A 1 50 ? 5.592   -20.265 11.072  1.00 33.53 ? 49  HIS A CD2 1 
ATOM   375 C  CE1 . HIS A 1 50 ? 7.000   -20.855 9.473   1.00 34.24 ? 49  HIS A CE1 1 
ATOM   376 N  NE2 . HIS A 1 50 ? 6.142   -21.311 10.370  1.00 30.94 ? 49  HIS A NE2 1 
ATOM   377 N  N   . ALA A 1 51 ? 9.187   -16.632 11.644  1.00 25.79 ? 50  ALA A N   1 
ATOM   378 C  CA  . ALA A 1 51 ? 10.608  -16.707 11.452  1.00 27.23 ? 50  ALA A CA  1 
ATOM   379 C  C   . ALA A 1 51 ? 11.367  -16.370 12.735  1.00 28.16 ? 50  ALA A C   1 
ATOM   380 O  O   . ALA A 1 51 ? 12.602  -16.353 12.675  1.00 34.28 ? 50  ALA A O   1 
ATOM   381 C  CB  . ALA A 1 51 ? 11.091  -15.800 10.321  1.00 28.15 ? 50  ALA A CB  1 
ATOM   382 N  N   . GLY A 1 52 ? 10.720  -16.022 13.829  1.00 27.01 ? 51  GLY A N   1 
ATOM   383 C  CA  . GLY A 1 52 ? 11.373  -15.661 15.062  1.00 27.77 ? 51  GLY A CA  1 
ATOM   384 C  C   . GLY A 1 52 ? 11.947  -14.259 15.142  1.00 28.87 ? 51  GLY A C   1 
ATOM   385 O  O   . GLY A 1 52 ? 12.788  -13.959 16.011  1.00 31.05 ? 51  GLY A O   1 
ATOM   386 N  N   . ARG A 1 53 ? 11.471  -13.333 14.293  1.00 24.19 ? 52  ARG A N   1 
ATOM   387 C  CA  . ARG A 1 53 ? 12.009  -11.943 14.333  1.00 21.68 ? 52  ARG A CA  1 
ATOM   388 C  C   . ARG A 1 53 ? 10.991  -10.941 14.777  1.00 22.66 ? 52  ARG A C   1 
ATOM   389 O  O   . ARG A 1 53 ? 9.765   -11.112 14.615  1.00 24.17 ? 52  ARG A O   1 
ATOM   390 C  CB  . ARG A 1 53 ? 12.367  -11.553 12.869  1.00 21.87 ? 52  ARG A CB  1 
ATOM   391 C  CG  . ARG A 1 53 ? 13.589  -12.260 12.321  1.00 23.20 ? 52  ARG A CG  1 
ATOM   392 C  CD  . ARG A 1 53 ? 13.850  -11.822 10.881  1.00 23.30 ? 52  ARG A CD  1 
ATOM   393 N  NE  . ARG A 1 53 ? 13.135  -12.637 9.915   1.00 23.75 ? 52  ARG A NE  1 
ATOM   394 C  CZ  . ARG A 1 53 ? 12.099  -12.148 9.189   1.00 22.30 ? 52  ARG A CZ  1 
ATOM   395 N  NH1 . ARG A 1 53 ? 11.618  -10.908 9.417   1.00 20.38 ? 52  ARG A NH1 1 
ATOM   396 N  NH2 . ARG A 1 53 ? 11.541  -12.920 8.280   1.00 21.90 ? 52  ARG A NH2 1 
ATOM   397 N  N   . LYS A 1 54 ? 11.369  -9.785  15.321  1.00 21.01 ? 53  LYS A N   1 
ATOM   398 C  CA  . LYS A 1 54 ? 10.527  -8.676  15.629  1.00 22.79 ? 53  LYS A CA  1 
ATOM   399 C  C   . LYS A 1 54 ? 10.576  -7.629  14.495  1.00 19.94 ? 53  LYS A C   1 
ATOM   400 O  O   . LYS A 1 54 ? 9.695   -6.762  14.567  1.00 25.61 ? 53  LYS A O   1 
ATOM   401 C  CB  . LYS A 1 54 ? 11.048  -7.935  16.877  1.00 28.45 ? 53  LYS A CB  1 
ATOM   402 C  CG  . LYS A 1 54 ? 10.980  -8.870  18.085  1.00 33.86 ? 53  LYS A CG  1 
ATOM   403 C  CD  . LYS A 1 54 ? 9.614   -8.722  18.744  1.00 37.49 ? 53  LYS A CD  1 
ATOM   404 C  CE  . LYS A 1 54 ? 9.799   -8.804  20.263  1.00 39.77 ? 53  LYS A CE  1 
ATOM   405 N  NZ  . LYS A 1 54 ? 8.608   -8.270  20.981  1.00 41.14 ? 53  LYS A NZ  1 
ATOM   406 N  N   . THR A 1 55 ? 11.473  -7.801  13.562  1.00 18.00 ? 54  THR A N   1 
ATOM   407 C  CA  . THR A 1 55 ? 11.617  -6.765  12.498  1.00 19.01 ? 54  THR A CA  1 
ATOM   408 C  C   . THR A 1 55 ? 11.023  -7.299  11.201  1.00 17.55 ? 54  THR A C   1 
ATOM   409 O  O   . THR A 1 55 ? 11.408  -8.387  10.778  1.00 19.24 ? 54  THR A O   1 
ATOM   410 C  CB  . THR A 1 55 ? 13.087  -6.445  12.312  1.00 18.76 ? 54  THR A CB  1 
ATOM   411 O  OG1 . THR A 1 55 ? 13.611  -6.073  13.599  1.00 23.01 ? 54  THR A OG1 1 
ATOM   412 C  CG2 . THR A 1 55 ? 13.234  -5.209  11.435  1.00 22.05 ? 54  THR A CG2 1 
ATOM   413 N  N   . ILE A 1 56 ? 10.185  -6.430  10.618  1.00 16.11 ? 55  ILE A N   1 
ATOM   414 C  CA  . ILE A 1 56 ? 9.657   -6.832  9.275   1.00 17.38 ? 55  ILE A CA  1 
ATOM   415 C  C   . ILE A 1 56 ? 10.680  -6.420  8.220   1.00 15.56 ? 55  ILE A C   1 
ATOM   416 O  O   . ILE A 1 56 ? 11.245  -5.301  8.246   1.00 17.67 ? 55  ILE A O   1 
ATOM   417 C  CB  . ILE A 1 56 ? 8.332   -6.105  9.094   1.00 15.52 ? 55  ILE A CB  1 
ATOM   418 C  CG1 . ILE A 1 56 ? 7.197   -6.886  9.856   1.00 23.63 ? 55  ILE A CG1 1 
ATOM   419 C  CG2 . ILE A 1 56 ? 7.893   -6.186  7.611   1.00 17.32 ? 55  ILE A CG2 1 
ATOM   420 C  CD1 . ILE A 1 56 ? 7.296   -7.229  11.321  1.00 24.92 ? 55  ILE A CD1 1 
ATOM   421 N  N   . LYS A 1 57 ? 11.027  -7.366  7.344   1.00 15.90 ? 56  LYS A N   1 
ATOM   422 C  CA  . LYS A 1 57 ? 12.025  -7.249  6.329   1.00 17.16 ? 56  LYS A CA  1 
ATOM   423 C  C   . LYS A 1 57 ? 11.431  -7.248  4.930   1.00 18.19 ? 56  LYS A C   1 
ATOM   424 O  O   . LYS A 1 57 ? 10.277  -7.651  4.709   1.00 16.77 ? 56  LYS A O   1 
ATOM   425 C  CB  . LYS A 1 57 ? 13.031  -8.440  6.411   1.00 21.02 ? 56  LYS A CB  1 
ATOM   426 C  CG  . LYS A 1 57 ? 13.865  -8.304  7.719   1.00 24.59 ? 56  LYS A CG  1 
ATOM   427 C  CD  . LYS A 1 57 ? 14.716  -9.551  7.986   1.00 29.19 ? 56  LYS A CD  1 
ATOM   428 C  CE  . LYS A 1 57 ? 15.972  -9.459  7.133   1.00 33.48 ? 56  LYS A CE  1 
ATOM   429 N  NZ  . LYS A 1 57 ? 16.695  -10.768 7.140   1.00 35.77 ? 56  LYS A NZ  1 
ATOM   430 N  N   . ALA A 1 58 ? 12.214  -6.852  3.928   1.00 18.05 ? 57  ALA A N   1 
ATOM   431 C  CA  . ALA A 1 58 ? 11.719  -6.871  2.574   1.00 17.19 ? 57  ALA A CA  1 
ATOM   432 C  C   . ALA A 1 58 ? 11.175  -8.229  2.155   1.00 18.90 ? 57  ALA A C   1 
ATOM   433 O  O   . ALA A 1 58 ? 10.156  -8.355  1.458   1.00 18.54 ? 57  ALA A O   1 
ATOM   434 C  CB  . ALA A 1 58 ? 12.829  -6.438  1.615   1.00 19.67 ? 57  ALA A CB  1 
ATOM   435 N  N   . GLU A 1 59 ? 11.871  -9.335  2.575   1.00 19.59 ? 58  GLU A N   1 
ATOM   436 C  CA  . GLU A 1 59 ? 11.399  -10.649 2.131   1.00 22.21 ? 58  GLU A CA  1 
ATOM   437 C  C   . GLU A 1 59 ? 10.023  -10.978 2.652   1.00 18.83 ? 58  GLU A C   1 
ATOM   438 O  O   . GLU A 1 59 ? 9.277   -11.725 2.037   1.00 20.73 ? 58  GLU A O   1 
ATOM   439 C  CB  . GLU A 1 59 ? 12.408  -11.767 2.519   1.00 25.81 ? 58  GLU A CB  1 
ATOM   440 C  CG  . GLU A 1 59 ? 12.581  -11.853 4.024   1.00 33.00 ? 58  GLU A CG  1 
ATOM   441 C  CD  . GLU A 1 59 ? 13.507  -12.843 4.661   1.00 39.28 ? 58  GLU A CD  1 
ATOM   442 O  OE1 . GLU A 1 59 ? 13.965  -13.834 4.075   1.00 42.18 ? 58  GLU A OE1 1 
ATOM   443 O  OE2 . GLU A 1 59 ? 13.774  -12.643 5.872   1.00 42.65 ? 58  GLU A OE2 1 
ATOM   444 N  N   . ASP A 1 60 ? 9.621   -10.427 3.816   1.00 17.29 ? 59  ASP A N   1 
ATOM   445 C  CA  . ASP A 1 60 ? 8.313   -10.650 4.393   1.00 16.27 ? 59  ASP A CA  1 
ATOM   446 C  C   . ASP A 1 60 ? 7.297   -9.925  3.490   1.00 17.11 ? 59  ASP A C   1 
ATOM   447 O  O   . ASP A 1 60 ? 6.204   -10.510 3.243   1.00 17.24 ? 59  ASP A O   1 
ATOM   448 C  CB  . ASP A 1 60 ? 8.222   -10.089 5.831   1.00 17.78 ? 59  ASP A CB  1 
ATOM   449 C  CG  . ASP A 1 60 ? 9.267   -10.676 6.767   1.00 19.03 ? 59  ASP A CG  1 
ATOM   450 O  OD1 . ASP A 1 60 ? 9.446   -11.947 6.629   1.00 21.35 ? 59  ASP A OD1 1 
ATOM   451 O  OD2 . ASP A 1 60 ? 9.818   -9.932  7.602   1.00 17.87 ? 59  ASP A OD2 1 
ATOM   452 N  N   . ILE A 1 61 ? 7.584   -8.701  3.042   1.00 16.42 ? 60  ILE A N   1 
ATOM   453 C  CA  . ILE A 1 61 ? 6.640   -8.001  2.144   1.00 16.01 ? 60  ILE A CA  1 
ATOM   454 C  C   . ILE A 1 61 ? 6.517   -8.762  0.813   1.00 16.89 ? 60  ILE A C   1 
ATOM   455 O  O   . ILE A 1 61 ? 5.360   -8.892  0.333   1.00 17.47 ? 60  ILE A O   1 
ATOM   456 C  CB  . ILE A 1 61 ? 7.167   -6.551  1.936   1.00 13.58 ? 60  ILE A CB  1 
ATOM   457 C  CG1 . ILE A 1 61 ? 7.181   -5.723  3.230   1.00 16.81 ? 60  ILE A CG1 1 
ATOM   458 C  CG2 . ILE A 1 61 ? 6.263   -5.887  0.857   1.00 17.35 ? 60  ILE A CG2 1 
ATOM   459 C  CD1 . ILE A 1 61 ? 5.828   -5.498  3.896   1.00 18.00 ? 60  ILE A CD1 1 
ATOM   460 N  N   . GLU A 1 62 ? 7.647   -9.225  0.306   1.00 17.65 ? 61  GLU A N   1 
ATOM   461 C  CA  . GLU A 1 62 ? 7.548   -9.869  -1.028  1.00 21.56 ? 61  GLU A CA  1 
ATOM   462 C  C   . GLU A 1 62 ? 6.780   -11.162 -0.968  1.00 20.34 ? 61  GLU A C   1 
ATOM   463 O  O   . GLU A 1 62 ? 6.000   -11.474 -1.914  1.00 22.52 ? 61  GLU A O   1 
ATOM   464 C  CB  . GLU A 1 62 ? 8.974   -10.068 -1.545  1.00 24.84 ? 61  GLU A CB  1 
ATOM   465 C  CG  A GLU A 1 62 ? 9.648   -8.817  -2.057  0.70 30.41 ? 61  GLU A CG  1 
ATOM   466 C  CG  B GLU A 1 62 ? 9.634   -8.732  -1.875  0.30 26.03 ? 61  GLU A CG  1 
ATOM   467 C  CD  A GLU A 1 62 ? 11.151  -8.795  -1.817  0.70 34.24 ? 61  GLU A CD  1 
ATOM   468 C  CD  B GLU A 1 62 ? 8.982   -8.158  -3.126  0.30 27.32 ? 61  GLU A CD  1 
ATOM   469 O  OE1 A GLU A 1 62 ? 11.726  -9.831  -1.422  0.70 36.10 ? 61  GLU A OE1 1 
ATOM   470 O  OE1 B GLU A 1 62 ? 9.347   -8.617  -4.219  0.30 28.69 ? 61  GLU A OE1 1 
ATOM   471 O  OE2 A GLU A 1 62 ? 11.756  -7.717  -1.992  0.70 36.48 ? 61  GLU A OE2 1 
ATOM   472 O  OE2 B GLU A 1 62 ? 8.094   -7.301  -2.974  0.30 28.67 ? 61  GLU A OE2 1 
ATOM   473 N  N   . LEU A 1 63 ? 6.958   -11.949 0.110   1.00 18.94 ? 62  LEU A N   1 
ATOM   474 C  CA  . LEU A 1 63 ? 6.204   -13.185 0.216   1.00 21.14 ? 62  LEU A CA  1 
ATOM   475 C  C   . LEU A 1 63 ? 4.753   -12.948 0.476   1.00 21.66 ? 62  LEU A C   1 
ATOM   476 O  O   . LEU A 1 63 ? 3.827   -13.490 -0.150  1.00 23.13 ? 62  LEU A O   1 
ATOM   477 C  CB  . LEU A 1 63 ? 6.753   -14.054 1.372   1.00 24.64 ? 62  LEU A CB  1 
ATOM   478 C  CG  . LEU A 1 63 ? 6.271   -15.500 1.331   1.00 28.92 ? 62  LEU A CG  1 
ATOM   479 C  CD1 . LEU A 1 63 ? 6.543   -16.106 -0.047  1.00 31.17 ? 62  LEU A CD1 1 
ATOM   480 C  CD2 . LEU A 1 63 ? 7.139   -16.317 2.284   1.00 29.57 ? 62  LEU A CD2 1 
ATOM   481 N  N   . ALA A 1 64 ? 4.391   -11.996 1.373   1.00 18.46 ? 63  ALA A N   1 
ATOM   482 C  CA  . ALA A 1 64 ? 3.010   -11.602 1.601   1.00 18.15 ? 63  ALA A CA  1 
ATOM   483 C  C   . ALA A 1 64 ? 2.317   -11.161 0.332   1.00 20.38 ? 63  ALA A C   1 
ATOM   484 O  O   . ALA A 1 64 ? 1.108   -11.494 0.172   1.00 22.02 ? 63  ALA A O   1 
ATOM   485 C  CB  . ALA A 1 64 ? 3.040   -10.452 2.643   1.00 19.19 ? 63  ALA A CB  1 
ATOM   486 N  N   . ARG A 1 65 ? 2.982   -10.416 -0.553  1.00 18.93 ? 64  ARG A N   1 
ATOM   487 C  CA  . ARG A 1 65 ? 2.321   -9.964  -1.783  1.00 22.59 ? 64  ARG A CA  1 
ATOM   488 C  C   . ARG A 1 65 ? 1.928   -11.147 -2.670  1.00 24.15 ? 64  ARG A C   1 
ATOM   489 O  O   . ARG A 1 65 ? 0.827   -11.039 -3.174  1.00 24.98 ? 64  ARG A O   1 
ATOM   490 C  CB  . ARG A 1 65 ? 3.286   -9.048  -2.530  1.00 24.88 ? 64  ARG A CB  1 
ATOM   491 C  CG  . ARG A 1 65 ? 2.600   -8.292  -3.682  1.00 32.52 ? 64  ARG A CG  1 
ATOM   492 C  CD  . ARG A 1 65 ? 2.796   -8.956  -5.027  1.00 38.47 ? 64  ARG A CD  1 
ATOM   493 N  NE  . ARG A 1 65 ? 1.669   -8.544  -5.864  1.00 44.74 ? 64  ARG A NE  1 
ATOM   494 C  CZ  . ARG A 1 65 ? 1.533   -7.603  -6.762  1.00 47.31 ? 64  ARG A CZ  1 
ATOM   495 N  NH1 . ARG A 1 65 ? 2.561   -6.815  -7.078  1.00 50.03 ? 64  ARG A NH1 1 
ATOM   496 N  NH2 . ARG A 1 65 ? 0.349   -7.473  -7.364  1.00 47.38 ? 64  ARG A NH2 1 
ATOM   497 N  N   . LYS A 1 66 ? 2.739   -12.218 -2.565  1.00 23.49 ? 65  LYS A N   1 
ATOM   498 C  CA  . LYS A 1 66 ? 2.293   -13.386 -3.404  1.00 27.37 ? 65  LYS A CA  1 
ATOM   499 C  C   . LYS A 1 66 ? 1.071   -14.037 -2.864  1.00 28.96 ? 65  LYS A C   1 
ATOM   500 O  O   . LYS A 1 66 ? 0.441   -14.740 -3.678  1.00 31.75 ? 65  LYS A O   1 
ATOM   501 C  CB  . LYS A 1 66 ? 3.468   -14.374 -3.409  1.00 27.36 ? 65  LYS A CB  1 
ATOM   502 C  CG  . LYS A 1 66 ? 4.613   -13.909 -4.263  1.00 32.09 ? 65  LYS A CG  1 
ATOM   503 C  CD  . LYS A 1 66 ? 5.867   -14.757 -4.074  1.00 35.91 ? 65  LYS A CD  1 
ATOM   504 C  CE  . LYS A 1 66 ? 7.040   -14.050 -4.720  1.00 38.86 ? 65  LYS A CE  1 
ATOM   505 N  NZ  . LYS A 1 66 ? 8.168   -14.925 -5.134  1.00 42.29 ? 65  LYS A NZ  1 
ATOM   506 N  N   . MET A 1 67 ? 0.556   -13.899 -1.645  1.00 29.86 ? 66  MET A N   1 
ATOM   507 C  CA  . MET A 1 67 ? -0.680  -14.411 -1.130  1.00 31.80 ? 66  MET A CA  1 
ATOM   508 C  C   . MET A 1 67 ? -1.933  -13.708 -1.633  1.00 34.45 ? 66  MET A C   1 
ATOM   509 O  O   . MET A 1 67 ? -3.052  -14.028 -1.228  1.00 33.01 ? 66  MET A O   1 
ATOM   510 C  CB  . MET A 1 67 ? -0.777  -14.210 0.405   1.00 32.14 ? 66  MET A CB  1 
ATOM   511 C  CG  . MET A 1 67 ? 0.307   -14.991 1.087   1.00 33.47 ? 66  MET A CG  1 
ATOM   512 S  SD  . MET A 1 67 ? 0.141   -14.903 2.902   1.00 36.05 ? 66  MET A SD  1 
ATOM   513 C  CE  . MET A 1 67 ? 1.801   -15.665 3.008   1.00 34.02 ? 66  MET A CE  1 
ATOM   514 N  N   . PHE A 1 68 ? -1.719  -12.597 -2.336  1.00 36.11 ? 67  PHE A N   1 
ATOM   515 C  CA  . PHE A 1 68 ? -2.779  -11.805 -2.942  1.00 39.97 ? 67  PHE A CA  1 
ATOM   516 C  C   . PHE A 1 68 ? -2.573  -11.836 -4.464  1.00 41.21 ? 67  PHE A C   1 
ATOM   517 O  O   . PHE A 1 68 ? -3.576  -12.146 -5.118  1.00 47.63 ? 67  PHE A O   1 
ATOM   518 C  CB  . PHE A 1 68 ? -2.742  -10.358 -2.426  1.00 38.96 ? 67  PHE A CB  1 
ATOM   519 C  CG  . PHE A 1 68 ? -2.968  -10.327 -0.936  1.00 36.81 ? 67  PHE A CG  1 
ATOM   520 C  CD1 . PHE A 1 68 ? -4.231  -10.269 -0.399  1.00 35.81 ? 67  PHE A CD1 1 
ATOM   521 C  CD2 . PHE A 1 68 ? -1.875  -10.361 -0.076  1.00 36.41 ? 67  PHE A CD2 1 
ATOM   522 C  CE1 . PHE A 1 68 ? -4.432  -10.261 0.970   1.00 35.35 ? 67  PHE A CE1 1 
ATOM   523 C  CE2 . PHE A 1 68 ? -2.075  -10.341 1.295   1.00 34.08 ? 67  PHE A CE2 1 
ATOM   524 C  CZ  . PHE A 1 68 ? -3.342  -10.303 1.831   1.00 35.82 ? 67  PHE A CZ  1 
HETATM 525 CL CL  . CL  B 2 .  ? 14.541  -8.909  14.730  1.00 24.16 ? 69  CL  A CL  1 
HETATM 526 O  O   . HOH C 3 .  ? -7.706  12.180  -19.143 1.00 33.93 ? 70  HOH A O   1 
HETATM 527 O  O   . HOH C 3 .  ? 1.455   5.816   -12.264 1.00 23.92 ? 71  HOH A O   1 
HETATM 528 O  O   . HOH C 3 .  ? -1.031  16.008  0.329   1.00 26.72 ? 72  HOH A O   1 
HETATM 529 O  O   . HOH C 3 .  ? -11.966 3.994   -2.824  1.00 37.10 ? 73  HOH A O   1 
HETATM 530 O  O   . HOH C 3 .  ? 10.911  -5.443  -3.557  1.00 45.27 ? 74  HOH A O   1 
HETATM 531 O  O   . HOH C 3 .  ? -13.588 7.815   -1.399  1.00 42.80 ? 75  HOH A O   1 
HETATM 532 O  O   . HOH C 3 .  ? -1.697  15.688  -6.872  1.00 32.58 ? 76  HOH A O   1 
HETATM 533 O  O   . HOH C 3 .  ? -3.139  1.329   6.044   1.00 24.52 ? 77  HOH A O   1 
HETATM 534 O  O   . HOH C 3 .  ? 15.919  -9.259  11.752  1.00 35.33 ? 78  HOH A O   1 
HETATM 535 O  O   . HOH C 3 .  ? 15.181  -6.190  4.884   1.00 27.28 ? 79  HOH A O   1 
HETATM 536 O  O   . HOH C 3 .  ? 9.457   -14.082 5.062   1.00 33.45 ? 80  HOH A O   1 
HETATM 537 O  O   . HOH C 3 .  ? 14.768  -9.378  3.298   1.00 33.20 ? 81  HOH A O   1 
HETATM 538 O  O   . HOH C 3 .  ? -13.656 10.082  -2.984  1.00 34.69 ? 82  HOH A O   1 
HETATM 539 O  O   . HOH C 3 .  ? 7.942   -17.237 8.102   1.00 31.69 ? 83  HOH A O   1 
HETATM 540 O  O   . HOH C 3 .  ? -8.816  8.423   1.426   1.00 38.13 ? 84  HOH A O   1 
HETATM 541 O  O   . HOH C 3 .  ? -3.422  -11.287 7.860   1.00 55.80 ? 85  HOH A O   1 
HETATM 542 O  O   . HOH C 3 .  ? 0.393   11.618  5.666   1.00 47.31 ? 86  HOH A O   1 
HETATM 543 O  O   . HOH C 3 .  ? -1.046  10.807  7.713   1.00 40.14 ? 87  HOH A O   1 
HETATM 544 O  O   . HOH C 3 .  ? 0.938   -16.826 7.461   1.00 61.24 ? 88  HOH A O   1 
HETATM 545 O  O   . HOH C 3 .  ? -12.846 0.958   -3.607  1.00 58.72 ? 89  HOH A O   1 
HETATM 546 O  O   . HOH C 3 .  ? 6.254   -10.506 -4.483  1.00 39.22 ? 90  HOH A O   1 
HETATM 547 O  O   . HOH C 3 .  ? 10.512  -13.489 0.072   1.00 41.28 ? 91  HOH A O   1 
HETATM 548 O  O   . HOH C 3 .  ? -2.163  17.472  -18.674 1.00 50.83 ? 92  HOH A O   1 
HETATM 549 O  O   . HOH C 3 .  ? -1.797  16.511  -16.354 1.00 57.88 ? 93  HOH A O   1 
HETATM 550 O  O   . HOH C 3 .  ? -7.022  20.763  -3.437  1.00 42.64 ? 94  HOH A O   1 
HETATM 551 O  O   . HOH C 3 .  ? -1.250  16.462  -9.690  1.00 50.54 ? 95  HOH A O   1 
HETATM 552 O  O   . HOH C 3 .  ? 1.370   -7.315  16.340  0.50 33.18 ? 96  HOH A O   1 
HETATM 553 O  O   . HOH C 3 .  ? -0.913  -9.766  11.743  1.00 32.88 ? 97  HOH A O   1 
HETATM 554 O  O   . HOH C 3 .  ? 14.947  -14.839 9.520   1.00 45.01 ? 98  HOH A O   1 
HETATM 555 O  O   . HOH C 3 .  ? 17.471  -11.106 10.594  1.00 47.73 ? 99  HOH A O   1 
HETATM 556 O  O   . HOH C 3 .  ? 9.193   -9.328  23.113  1.00 46.04 ? 100 HOH A O   1 
HETATM 557 O  O   . HOH C 3 .  ? 13.170  -15.393 7.287   1.00 50.50 ? 101 HOH A O   1 
HETATM 558 O  O   . HOH C 3 .  ? -4.933  19.086  -5.695  1.00 47.53 ? 102 HOH A O   1 
HETATM 559 O  O   . HOH C 3 .  ? -4.553  19.609  -17.223 1.00 47.08 ? 103 HOH A O   1 
HETATM 560 O  O   . HOH C 3 .  ? -10.356 8.790   3.823   1.00 64.68 ? 104 HOH A O   1 
HETATM 561 O  O   . HOH C 3 .  ? 17.461  -12.799 12.187  1.00 43.35 ? 105 HOH A O   1 
HETATM 562 O  O   . HOH C 3 .  ? 3.971   16.056  -2.041  1.00 50.29 ? 106 HOH A O   1 
HETATM 563 O  O   . HOH C 3 .  ? -7.546  -3.679  4.599   1.00 46.02 ? 107 HOH A O   1 
HETATM 564 O  O   . HOH C 3 .  ? -4.124  -9.705  5.883   1.00 33.71 ? 108 HOH A O   1 
HETATM 565 O  O   . HOH C 3 .  ? 4.963   -23.685 11.123  1.00 44.63 ? 109 HOH A O   1 
HETATM 566 O  O   . HOH C 3 .  ? 2.786   -16.075 12.772  1.00 40.47 ? 110 HOH A O   1 
HETATM 567 O  O   . HOH C 3 .  ? 3.466   5.470   -14.064 1.00 41.80 ? 111 HOH A O   1 
HETATM 568 O  O   . HOH C 3 .  ? 0.821   -14.720 14.155  1.00 41.84 ? 112 HOH A O   1 
HETATM 569 O  O   . HOH C 3 .  ? -5.931  -7.807  7.130   1.00 48.77 ? 113 HOH A O   1 
HETATM 570 O  O   . HOH C 3 .  ? -4.060  -7.154  -0.874  1.00 62.75 ? 114 HOH A O   1 
HETATM 571 O  O   . HOH C 3 .  ? 0.504   -11.189 13.994  1.00 36.66 ? 115 HOH A O   1 
HETATM 572 O  O   . HOH C 3 .  ? 18.071  -10.442 4.589   1.00 49.70 ? 116 HOH A O   1 
HETATM 573 O  O   . HOH C 3 .  ? -0.520  -9.311  -5.325  1.00 46.47 ? 117 HOH A O   1 
HETATM 574 O  O   . HOH C 3 .  ? -14.003 16.055  -6.429  1.00 31.12 ? 118 HOH A O   1 
HETATM 575 O  O   . HOH C 3 .  ? 1.616   -4.672  -6.946  1.00 48.10 ? 119 HOH A O   1 
HETATM 576 O  O   . HOH C 3 .  ? 5.115   -6.844  -6.983  1.00 58.23 ? 120 HOH A O   1 
HETATM 577 O  O   . HOH C 3 .  ? -6.272  14.449  -22.485 1.00 67.90 ? 121 HOH A O   1 
HETATM 578 O  O   . HOH C 3 .  ? 6.342   -9.553  13.731  1.00 57.46 ? 122 HOH A O   1 
HETATM 579 O  O   . HOH C 3 .  ? 1.338   -10.963 18.256  1.00 47.71 ? 123 HOH A O   1 
HETATM 580 O  O   . HOH C 3 .  ? -2.198  -17.517 -2.262  1.00 47.26 ? 124 HOH A O   1 
HETATM 581 O  O   . HOH C 3 .  ? 5.757   10.135  -16.317 1.00 56.32 ? 125 HOH A O   1 
# 
